data_5BUD
#
_entry.id   5BUD
#
_cell.length_a   97.854
_cell.length_b   114.638
_cell.length_c   84.458
_cell.angle_alpha   90.00
_cell.angle_beta   90.00
_cell.angle_gamma   90.00
#
_symmetry.space_group_name_H-M   'P 21 21 2'
#
loop_
_entity.id
_entity.type
_entity.pdbx_description
1 polymer 'Decapping nuclease RAI1'
2 polymer "RNA (5'-R(P*UP*UP*UP*U)-3')"
3 non-polymer 'MANGANESE (II) ION'
4 water water
#
loop_
_entity_poly.entity_id
_entity_poly.type
_entity_poly.pdbx_seq_one_letter_code
_entity_poly.pdbx_strand_id
1 'polypeptide(L)'
;HMAKSLPLNSRSKTTALKQPRELFSYARDIDGKYVYDDPENSLSYYYLPDSTIDTGIDLQGGYSKFKKIPDEQNLADFNS
LLKAIIKYETSEGKKISSDIITFREIMTKILSLPYNLTDPIDLYVVPFDGQLFIKSDDELDMKRRKEQEVRMKQTNTVER
YDYMKRCEYVGYKFETIATIPKPWSQVSRSQIENRNKKVVNNYEQYLSVIRTGIGNVKLVLAGEIDCCWDYLPDEQNKKL
NHYVELKTSRIIENNSQVVSFEQKLFKAWCQCFLMGVTKIIYGFRDNNLILKNVELFNTEEIPILIKNNPLTNAATEKKI
NCTNALKWYGAVVDWLNTTVDKKDEIKSYRLKYDPVRKSFTLSETDSETNEKLRNGQLLTPEFTEWRQSLKK
;
A,B
2 'polyribonucleotide' UUUUU D,E
#
# COMPACT_ATOMS: atom_id res chain seq x y z
N HIS A 1 -39.46 4.05 25.54
CA HIS A 1 -40.45 4.77 24.71
C HIS A 1 -40.05 4.66 23.24
N MET A 2 -40.57 5.55 22.40
CA MET A 2 -40.33 5.40 20.98
C MET A 2 -38.96 5.96 20.56
N ALA A 3 -38.42 5.35 19.53
CA ALA A 3 -37.10 5.66 19.05
C ALA A 3 -37.12 5.29 17.59
N LYS A 4 -36.42 6.06 16.80
CA LYS A 4 -36.27 5.76 15.39
C LYS A 4 -34.90 5.13 15.25
N SER A 5 -34.81 4.18 14.35
CA SER A 5 -33.58 3.44 14.26
C SER A 5 -33.15 3.50 12.82
N LEU A 6 -31.83 3.48 12.66
CA LEU A 6 -31.21 3.37 11.36
C LEU A 6 -30.72 1.95 11.29
N PRO A 7 -31.10 1.22 10.23
CA PRO A 7 -30.59 -0.13 10.12
C PRO A 7 -29.05 -0.11 10.08
N LEU A 8 -28.41 -1.09 10.72
CA LEU A 8 -26.97 -1.17 10.77
C LEU A 8 -26.37 -1.45 9.41
N ASN A 9 -27.15 -1.98 8.48
CA ASN A 9 -26.60 -2.25 7.15
C ASN A 9 -26.80 -1.07 6.19
N SER A 10 -27.33 0.04 6.69
CA SER A 10 -27.51 1.24 5.85
C SER A 10 -26.15 1.73 5.28
N ARG A 11 -26.14 2.04 3.98
CA ARG A 11 -24.93 2.52 3.30
C ARG A 11 -25.27 3.59 2.29
N SER A 12 -24.58 4.74 2.31
CA SER A 12 -24.74 5.77 1.23
C SER A 12 -24.32 5.13 -0.09
N LYS A 13 -24.94 5.57 -1.19
CA LYS A 13 -24.76 4.94 -2.51
C LYS A 13 -23.38 5.25 -3.05
N THR A 14 -22.98 6.49 -2.93
CA THR A 14 -21.66 6.87 -3.36
C THR A 14 -20.99 7.65 -2.25
N THR A 15 -19.79 8.12 -2.56
CA THR A 15 -18.92 8.76 -1.62
C THR A 15 -18.53 10.11 -2.25
N ALA A 16 -19.15 11.16 -1.75
CA ALA A 16 -18.77 12.52 -2.11
C ALA A 16 -18.05 13.09 -0.89
N LEU A 17 -16.74 13.26 -1.02
CA LEU A 17 -15.89 13.68 0.09
C LEU A 17 -15.40 15.09 -0.12
N LYS A 18 -15.57 15.91 0.91
CA LYS A 18 -15.10 17.28 0.86
C LYS A 18 -13.76 17.35 1.57
N GLN A 19 -12.91 18.29 1.15
CA GLN A 19 -11.57 18.38 1.70
C GLN A 19 -11.70 19.13 2.99
N PRO A 20 -11.09 18.63 4.08
CA PRO A 20 -11.25 19.41 5.31
C PRO A 20 -10.35 20.66 5.32
N ARG A 21 -10.76 21.67 6.08
CA ARG A 21 -9.98 22.91 6.22
C ARG A 21 -10.04 23.34 7.67
N GLU A 22 -8.91 23.72 8.25
CA GLU A 22 -8.92 24.26 9.60
C GLU A 22 -9.61 25.63 9.58
N LEU A 23 -10.47 25.88 10.55
CA LEU A 23 -11.09 27.19 10.76
C LEU A 23 -10.25 27.99 11.74
N PHE A 24 -9.94 27.40 12.90
CA PHE A 24 -9.09 28.03 13.89
C PHE A 24 -8.54 26.95 14.81
N SER A 25 -7.78 27.36 15.82
CA SER A 25 -7.27 26.49 16.84
C SER A 25 -7.34 27.15 18.20
N TYR A 26 -7.15 26.33 19.22
CA TYR A 26 -7.02 26.78 20.58
C TYR A 26 -6.19 25.71 21.29
N ALA A 27 -5.96 25.85 22.60
CA ALA A 27 -5.01 25.01 23.27
C ALA A 27 -5.41 24.81 24.72
N ARG A 28 -4.81 23.80 25.35
CA ARG A 28 -4.89 23.62 26.80
C ARG A 28 -3.49 23.69 27.37
N ASP A 29 -3.27 24.51 28.40
CA ASP A 29 -1.94 24.66 28.97
C ASP A 29 -1.63 23.58 29.99
N ILE A 30 -0.42 23.62 30.54
CA ILE A 30 0.06 22.57 31.44
C ILE A 30 -0.70 22.45 32.77
N ASP A 31 -1.49 23.49 33.08
CA ASP A 31 -2.32 23.48 34.30
C ASP A 31 -3.76 23.07 33.99
N GLY A 32 -4.06 22.81 32.72
CA GLY A 32 -5.40 22.40 32.32
C GLY A 32 -6.33 23.54 31.95
N LYS A 33 -5.80 24.74 31.78
CA LYS A 33 -6.61 25.90 31.43
C LYS A 33 -6.51 26.14 29.95
N TYR A 34 -7.62 26.51 29.32
CA TYR A 34 -7.66 26.75 27.89
C TYR A 34 -7.14 28.12 27.50
N VAL A 35 -6.57 28.18 26.30
CA VAL A 35 -5.87 29.34 25.78
C VAL A 35 -6.41 29.64 24.40
N TYR A 36 -6.79 30.90 24.13
CA TYR A 36 -7.49 31.21 22.89
C TYR A 36 -6.74 32.16 21.96
N ASP A 37 -5.77 32.88 22.51
CA ASP A 37 -4.93 33.81 21.74
C ASP A 37 -3.59 33.15 21.45
N ASP A 38 -3.04 33.43 20.29
CA ASP A 38 -1.77 32.81 19.85
C ASP A 38 -1.65 31.32 20.26
N PRO A 39 -2.65 30.51 19.94
CA PRO A 39 -2.61 29.09 20.28
C PRO A 39 -1.47 28.33 19.56
N GLU A 40 -1.06 28.83 18.39
CA GLU A 40 0.04 28.27 17.60
C GLU A 40 1.35 28.14 18.38
N ASN A 41 1.50 28.91 19.46
CA ASN A 41 2.61 28.77 20.38
C ASN A 41 2.64 27.44 21.13
N SER A 42 1.51 26.78 21.18
CA SER A 42 1.42 25.46 21.80
C SER A 42 1.60 24.28 20.82
N LEU A 43 1.78 24.56 19.54
CA LEU A 43 2.05 23.49 18.55
C LEU A 43 3.52 23.02 18.62
N SER A 44 3.71 21.73 18.86
CA SER A 44 5.04 21.11 18.74
C SER A 44 5.34 20.60 17.31
N TYR A 45 6.60 20.28 17.06
CA TYR A 45 7.09 19.86 15.76
C TYR A 45 7.77 18.52 15.90
N TYR A 46 7.62 17.67 14.89
CA TYR A 46 8.21 16.34 14.90
C TYR A 46 9.72 16.45 14.72
N TYR A 47 10.48 15.79 15.58
CA TYR A 47 11.93 15.72 15.43
C TYR A 47 12.50 14.49 16.15
N LEU A 48 12.87 13.46 15.38
CA LEU A 48 13.39 12.22 15.94
C LEU A 48 14.35 11.53 14.95
N PRO A 49 15.63 11.93 14.96
CA PRO A 49 16.64 11.37 14.05
C PRO A 49 16.94 9.89 14.36
N ASP A 50 17.26 9.13 13.33
CA ASP A 50 17.66 7.72 13.48
C ASP A 50 18.74 7.52 14.52
N SER A 51 19.70 8.43 14.55
CA SER A 51 20.81 8.31 15.47
C SER A 51 20.30 8.24 16.89
N THR A 52 19.29 9.06 17.20
CA THR A 52 18.64 9.02 18.50
C THR A 52 17.91 7.70 18.70
N ILE A 53 17.20 7.27 17.67
CA ILE A 53 16.47 5.99 17.75
C ILE A 53 17.44 4.84 18.02
N ASP A 54 18.64 4.93 17.45
CA ASP A 54 19.65 3.90 17.62
C ASP A 54 20.13 3.74 19.05
N THR A 55 20.02 4.80 19.86
CA THR A 55 20.42 4.72 21.27
C THR A 55 19.55 3.78 22.12
N GLY A 56 18.36 3.44 21.66
CA GLY A 56 17.49 2.53 22.41
C GLY A 56 16.73 3.24 23.53
N ILE A 57 15.89 4.20 23.16
CA ILE A 57 15.19 5.05 24.12
C ILE A 57 14.24 4.22 25.01
N ASP A 58 14.29 4.42 26.32
CA ASP A 58 13.39 3.70 27.20
C ASP A 58 12.11 4.51 27.37
N LEU A 59 11.02 3.98 26.86
CA LEU A 59 9.75 4.75 26.84
C LEU A 59 9.02 4.67 28.17
N GLN A 60 9.49 3.87 29.13
CA GLN A 60 8.99 3.98 30.51
C GLN A 60 9.86 4.86 31.40
N GLY A 61 10.93 5.41 30.83
CA GLY A 61 11.78 6.36 31.56
C GLY A 61 10.94 7.50 32.12
N GLY A 62 10.99 7.69 33.43
CA GLY A 62 10.29 8.82 34.06
C GLY A 62 8.84 8.55 34.42
N TYR A 63 8.41 7.30 34.33
CA TYR A 63 7.05 6.90 34.69
C TYR A 63 6.57 7.44 36.06
N SER A 64 7.43 7.37 37.06
CA SER A 64 7.08 7.78 38.43
C SER A 64 6.84 9.28 38.60
N LYS A 65 7.38 10.10 37.71
CA LYS A 65 7.12 11.56 37.71
C LYS A 65 6.04 12.02 36.71
N PHE A 66 5.34 11.09 36.09
CA PHE A 66 4.29 11.42 35.13
C PHE A 66 3.24 12.35 35.76
N LYS A 67 3.01 13.51 35.15
CA LYS A 67 1.94 14.41 35.53
C LYS A 67 0.67 14.14 34.72
N LYS A 68 -0.23 13.37 35.31
CA LYS A 68 -1.38 12.79 34.63
C LYS A 68 -2.67 13.51 35.01
N ILE A 69 -3.42 14.00 34.01
CA ILE A 69 -4.69 14.66 34.32
C ILE A 69 -5.73 13.64 34.78
N PRO A 70 -6.47 13.94 35.87
CA PRO A 70 -7.51 12.96 36.25
C PRO A 70 -8.51 12.77 35.10
N ASP A 71 -8.99 11.56 34.90
CA ASP A 71 -9.94 11.27 33.82
C ASP A 71 -11.17 12.18 33.85
N GLU A 72 -11.67 12.50 35.04
CA GLU A 72 -12.87 13.33 35.21
C GLU A 72 -12.65 14.72 34.65
N GLN A 73 -11.39 15.16 34.70
CA GLN A 73 -11.01 16.48 34.18
C GLN A 73 -10.60 16.49 32.71
N ASN A 74 -10.64 15.35 32.04
CA ASN A 74 -10.07 15.22 30.68
C ASN A 74 -11.11 14.83 29.64
N LEU A 75 -12.38 15.01 29.97
CA LEU A 75 -13.46 14.73 29.04
C LEU A 75 -13.45 15.85 27.99
N ALA A 76 -13.96 15.57 26.80
CA ALA A 76 -14.13 16.64 25.82
C ALA A 76 -14.99 17.76 26.45
N ASP A 77 -14.53 18.99 26.27
CA ASP A 77 -15.05 20.15 26.98
C ASP A 77 -15.82 21.08 26.05
N PHE A 78 -17.13 20.96 26.02
CA PHE A 78 -17.89 21.87 25.16
C PHE A 78 -17.84 23.33 25.55
N ASN A 79 -17.77 23.61 26.85
CA ASN A 79 -17.62 25.02 27.32
C ASN A 79 -16.50 25.72 26.59
N SER A 80 -15.32 25.13 26.63
CA SER A 80 -14.15 25.75 26.01
C SER A 80 -14.25 25.79 24.50
N LEU A 81 -14.85 24.76 23.90
CA LEU A 81 -14.99 24.78 22.45
C LEU A 81 -15.93 25.92 22.05
N LEU A 82 -17.05 26.07 22.76
CA LEU A 82 -17.98 27.18 22.42
C LEU A 82 -17.35 28.55 22.61
N LYS A 83 -16.48 28.67 23.61
CA LYS A 83 -15.82 29.95 23.90
C LYS A 83 -14.87 30.29 22.78
N ALA A 84 -14.17 29.27 22.29
CA ALA A 84 -13.31 29.40 21.12
C ALA A 84 -14.13 29.78 19.92
N ILE A 85 -15.27 29.11 19.72
CA ILE A 85 -16.20 29.44 18.61
C ILE A 85 -16.72 30.91 18.67
N ILE A 86 -17.10 31.39 19.87
CA ILE A 86 -17.56 32.80 20.02
C ILE A 86 -16.43 33.77 19.59
N LYS A 87 -15.22 33.53 20.04
CA LYS A 87 -14.07 34.34 19.61
C LYS A 87 -13.91 34.40 18.09
N TYR A 88 -13.97 33.23 17.44
CA TYR A 88 -13.81 33.15 15.99
C TYR A 88 -14.95 33.83 15.29
N GLU A 89 -16.17 33.50 15.68
CA GLU A 89 -17.33 34.02 15.00
C GLU A 89 -17.46 35.54 15.21
N THR A 90 -16.98 36.05 16.34
CA THR A 90 -17.04 37.48 16.63
C THR A 90 -16.11 38.17 15.62
N SER A 91 -14.91 37.61 15.42
CA SER A 91 -13.97 38.10 14.37
C SER A 91 -14.52 38.08 12.96
N GLU A 92 -15.25 37.04 12.61
CA GLU A 92 -15.83 36.91 11.29
C GLU A 92 -17.13 37.69 11.10
N GLY A 93 -17.74 38.12 12.22
CA GLY A 93 -19.03 38.82 12.19
C GLY A 93 -20.19 37.93 11.82
N LYS A 94 -20.03 36.63 12.02
CA LYS A 94 -20.93 35.66 11.43
C LYS A 94 -20.74 34.28 12.06
N LYS A 95 -21.82 33.50 12.18
CA LYS A 95 -21.71 32.12 12.68
C LYS A 95 -21.02 31.21 11.66
N ILE A 96 -20.36 30.15 12.15
CA ILE A 96 -19.74 29.15 11.26
C ILE A 96 -20.84 28.41 10.54
N SER A 97 -20.67 28.10 9.28
CA SER A 97 -21.73 27.41 8.59
C SER A 97 -21.48 25.92 8.67
N SER A 98 -22.46 25.19 9.20
CA SER A 98 -22.33 23.75 9.36
C SER A 98 -23.68 23.21 9.77
N ASP A 99 -23.85 21.91 9.58
CA ASP A 99 -25.02 21.19 10.08
C ASP A 99 -24.79 20.60 11.44
N ILE A 100 -23.58 20.12 11.66
CA ILE A 100 -23.19 19.42 12.89
C ILE A 100 -21.94 20.07 13.50
N ILE A 101 -21.91 20.26 14.82
CA ILE A 101 -20.71 20.69 15.49
C ILE A 101 -20.41 19.68 16.57
N THR A 102 -19.21 19.10 16.53
CA THR A 102 -18.89 18.03 17.45
C THR A 102 -17.40 17.80 17.63
N PHE A 103 -17.05 16.81 18.43
CA PHE A 103 -15.63 16.46 18.56
C PHE A 103 -15.32 15.28 17.60
N ARG A 104 -14.12 15.30 17.05
CA ARG A 104 -13.69 14.24 16.13
C ARG A 104 -13.75 12.82 16.70
N GLU A 105 -13.51 12.65 18.01
CA GLU A 105 -13.52 11.30 18.58
C GLU A 105 -14.91 10.68 18.48
N ILE A 106 -15.92 11.55 18.52
CA ILE A 106 -17.28 11.10 18.38
C ILE A 106 -17.54 10.54 16.98
N MET A 107 -17.17 11.23 15.91
CA MET A 107 -17.30 10.66 14.56
C MET A 107 -16.39 9.48 14.27
N THR A 108 -15.21 9.46 14.89
CA THR A 108 -14.32 8.30 14.80
C THR A 108 -15.05 7.02 15.29
N LYS A 109 -15.74 7.09 16.42
CA LYS A 109 -16.53 5.97 16.93
C LYS A 109 -17.56 5.46 15.93
N ILE A 110 -18.27 6.40 15.31
CA ILE A 110 -19.28 6.10 14.32
C ILE A 110 -18.70 5.50 13.05
N LEU A 111 -17.63 6.12 12.54
CA LEU A 111 -16.99 5.63 11.32
C LEU A 111 -16.37 4.25 11.48
N SER A 112 -15.79 3.95 12.63
CA SER A 112 -15.12 2.68 12.80
C SER A 112 -16.06 1.58 13.29
N LEU A 113 -17.31 1.95 13.57
CA LEU A 113 -18.31 1.04 14.18
C LEU A 113 -18.45 -0.31 13.44
N PRO A 114 -18.46 -0.29 12.09
CA PRO A 114 -18.68 -1.55 11.38
C PRO A 114 -17.67 -2.67 11.63
N TYR A 115 -16.47 -2.32 12.13
CA TYR A 115 -15.45 -3.34 12.43
C TYR A 115 -15.12 -3.30 13.92
N ASN A 116 -16.01 -2.71 14.72
CA ASN A 116 -15.85 -2.65 16.17
C ASN A 116 -17.24 -2.78 16.82
N LEU A 117 -17.95 -3.80 16.37
CA LEU A 117 -19.37 -3.99 16.67
C LEU A 117 -19.67 -4.22 18.16
N THR A 118 -18.67 -4.61 18.94
CA THR A 118 -18.90 -4.83 20.36
C THR A 118 -18.85 -3.55 21.19
N ASP A 119 -18.37 -2.43 20.62
CA ASP A 119 -18.17 -1.19 21.38
C ASP A 119 -19.45 -0.31 21.41
N PRO A 120 -19.95 0.05 22.62
CA PRO A 120 -21.12 0.90 22.77
C PRO A 120 -20.85 2.35 22.33
N ILE A 121 -21.90 3.05 21.91
CA ILE A 121 -21.87 4.50 21.66
C ILE A 121 -23.09 5.10 22.33
N ASP A 122 -22.87 6.13 23.14
CA ASP A 122 -23.94 6.86 23.80
C ASP A 122 -23.62 8.37 23.73
N LEU A 123 -24.41 9.09 22.95
CA LEU A 123 -24.22 10.52 22.69
C LEU A 123 -25.52 11.30 22.98
N TYR A 124 -25.38 12.61 23.10
CA TYR A 124 -26.50 13.53 23.22
C TYR A 124 -26.44 14.43 22.01
N VAL A 125 -27.61 14.65 21.39
CA VAL A 125 -27.80 15.59 20.27
C VAL A 125 -28.71 16.74 20.69
N VAL A 126 -28.23 17.97 20.54
CA VAL A 126 -28.93 19.15 21.00
C VAL A 126 -29.03 20.13 19.83
N PRO A 127 -30.25 20.31 19.28
CA PRO A 127 -30.43 21.29 18.22
C PRO A 127 -30.44 22.71 18.78
N PHE A 128 -29.74 23.61 18.10
CA PHE A 128 -29.68 25.01 18.53
C PHE A 128 -29.20 25.91 17.41
N ASP A 129 -29.95 26.98 17.16
CA ASP A 129 -29.60 27.95 16.14
C ASP A 129 -29.36 27.34 14.77
N GLY A 130 -30.14 26.34 14.43
CA GLY A 130 -30.10 25.73 13.11
C GLY A 130 -29.01 24.68 12.96
N GLN A 131 -28.38 24.30 14.07
CA GLN A 131 -27.30 23.31 14.09
C GLN A 131 -27.51 22.25 15.14
N LEU A 132 -26.84 21.11 14.94
CA LEU A 132 -26.82 20.01 15.88
C LEU A 132 -25.51 19.98 16.61
N PHE A 133 -25.59 20.12 17.92
CA PHE A 133 -24.47 20.04 18.80
C PHE A 133 -24.45 18.62 19.40
N ILE A 134 -23.33 17.91 19.20
CA ILE A 134 -23.26 16.51 19.59
C ILE A 134 -22.10 16.28 20.55
N LYS A 135 -22.41 15.68 21.71
CA LYS A 135 -21.43 15.37 22.70
C LYS A 135 -21.70 14.01 23.26
N SER A 136 -20.69 13.49 23.92
CA SER A 136 -20.79 12.17 24.49
C SER A 136 -21.51 12.24 25.82
N ASP A 137 -22.12 11.13 26.18
CA ASP A 137 -22.64 10.95 27.50
C ASP A 137 -21.50 10.72 28.46
N ASP A 138 -21.09 11.81 29.11
CA ASP A 138 -19.97 11.78 30.06
C ASP A 138 -20.14 10.80 31.20
N GLU A 139 -21.34 10.74 31.78
CA GLU A 139 -21.55 9.86 32.94
C GLU A 139 -21.43 8.39 32.55
N LEU A 140 -22.08 7.99 31.44
CA LEU A 140 -21.93 6.63 30.97
C LEU A 140 -20.48 6.27 30.63
N ASP A 141 -19.78 7.17 29.94
CA ASP A 141 -18.36 6.95 29.62
C ASP A 141 -17.49 6.71 30.86
N MET A 142 -17.64 7.57 31.86
CA MET A 142 -16.89 7.43 33.10
C MET A 142 -17.21 6.10 33.78
N LYS A 143 -18.48 5.72 33.76
CA LYS A 143 -18.89 4.47 34.38
C LYS A 143 -18.27 3.27 33.68
N ARG A 144 -18.22 3.34 32.36
CA ARG A 144 -17.58 2.28 31.59
C ARG A 144 -16.07 2.26 31.82
N ARG A 145 -15.46 3.44 31.90
CA ARG A 145 -14.03 3.52 32.17
C ARG A 145 -13.71 2.94 33.56
N LYS A 146 -14.52 3.24 34.57
CA LYS A 146 -14.27 2.71 35.91
C LYS A 146 -14.39 1.20 35.89
N GLU A 147 -15.44 0.70 35.26
CA GLU A 147 -15.69 -0.74 35.22
C GLU A 147 -14.65 -1.49 34.40
N GLN A 148 -14.14 -0.85 33.35
CA GLN A 148 -13.01 -1.40 32.60
C GLN A 148 -11.79 -1.47 33.52
N GLU A 149 -11.52 -0.39 34.24
CA GLU A 149 -10.41 -0.35 35.19
C GLU A 149 -10.51 -1.51 36.20
N VAL A 150 -11.62 -1.61 36.93
CA VAL A 150 -11.77 -2.69 37.94
C VAL A 150 -11.67 -4.10 37.35
N ARG A 151 -12.23 -4.33 36.16
CA ARG A 151 -11.97 -5.58 35.44
C ARG A 151 -10.47 -5.84 35.38
N MET A 152 -9.74 -4.89 34.78
CA MET A 152 -8.33 -5.09 34.42
C MET A 152 -7.47 -5.31 35.66
N LYS A 153 -7.73 -4.57 36.73
CA LYS A 153 -7.16 -4.84 38.05
C LYS A 153 -7.39 -6.29 38.51
N GLN A 154 -8.64 -6.72 38.45
CA GLN A 154 -9.02 -8.02 38.99
C GLN A 154 -8.53 -9.21 38.19
N THR A 155 -8.53 -9.08 36.87
CA THR A 155 -8.32 -10.21 36.00
C THR A 155 -6.88 -10.37 35.50
N ASN A 156 -5.99 -9.43 35.85
CA ASN A 156 -4.58 -9.52 35.54
C ASN A 156 -3.76 -9.54 36.80
N THR A 157 -2.55 -10.09 36.69
CA THR A 157 -1.61 -10.14 37.79
C THR A 157 -1.17 -8.73 38.06
N VAL A 158 -0.60 -8.49 39.22
CA VAL A 158 -0.09 -7.16 39.54
C VAL A 158 0.97 -6.70 38.55
N GLU A 159 1.75 -7.65 38.05
CA GLU A 159 2.81 -7.35 37.08
C GLU A 159 2.21 -6.87 35.72
N ARG A 160 1.17 -7.55 35.26
CA ARG A 160 0.57 -7.27 33.96
C ARG A 160 -0.20 -5.96 34.01
N TYR A 161 -0.85 -5.71 35.13
CA TYR A 161 -1.58 -4.47 35.34
C TYR A 161 -0.63 -3.28 35.36
N ASP A 162 0.48 -3.38 36.11
CA ASP A 162 1.50 -2.34 36.13
C ASP A 162 2.07 -2.10 34.72
N TYR A 163 2.36 -3.19 34.01
CA TYR A 163 2.84 -3.10 32.64
C TYR A 163 1.85 -2.31 31.78
N MET A 164 0.58 -2.67 31.86
CA MET A 164 -0.46 -1.96 31.07
C MET A 164 -0.55 -0.48 31.39
N LYS A 165 -0.47 -0.12 32.68
CA LYS A 165 -0.36 1.29 33.05
C LYS A 165 0.90 1.97 32.52
N ARG A 166 2.03 1.27 32.50
CA ARG A 166 3.22 1.81 31.88
C ARG A 166 3.03 1.98 30.38
N CYS A 167 2.29 1.06 29.75
CA CYS A 167 2.03 1.19 28.30
C CYS A 167 1.22 2.46 28.00
N GLU A 168 0.31 2.83 28.90
CA GLU A 168 -0.43 4.09 28.79
C GLU A 168 0.52 5.27 28.81
N TYR A 169 1.55 5.17 29.62
CA TYR A 169 2.51 6.24 29.77
C TYR A 169 3.39 6.33 28.54
N VAL A 170 3.70 5.16 27.98
CA VAL A 170 4.58 5.08 26.82
C VAL A 170 4.11 6.00 25.71
N GLY A 171 2.81 6.02 25.44
CA GLY A 171 2.25 6.86 24.35
C GLY A 171 2.61 8.31 24.50
N TYR A 172 2.47 8.82 25.71
CA TYR A 172 2.83 10.22 26.00
C TYR A 172 4.32 10.44 26.04
N LYS A 173 5.08 9.46 26.50
CA LYS A 173 6.55 9.58 26.51
C LYS A 173 7.08 9.68 25.09
N PHE A 174 6.49 8.91 24.19
CA PHE A 174 6.90 8.94 22.79
C PHE A 174 6.67 10.32 22.21
N GLU A 175 5.52 10.93 22.50
CA GLU A 175 5.23 12.26 22.05
C GLU A 175 6.29 13.24 22.56
N THR A 176 6.68 13.05 23.81
CA THR A 176 7.66 13.92 24.46
C THR A 176 9.03 13.78 23.81
N ILE A 177 9.50 12.56 23.55
CA ILE A 177 10.85 12.38 23.00
C ILE A 177 10.95 12.54 21.48
N ALA A 178 9.80 12.60 20.80
CA ALA A 178 9.74 12.71 19.33
C ALA A 178 9.42 14.10 18.81
N THR A 179 9.15 15.05 19.71
CA THR A 179 8.80 16.39 19.28
C THR A 179 9.63 17.48 20.01
N ILE A 180 9.66 18.65 19.40
CA ILE A 180 10.32 19.86 19.94
C ILE A 180 9.34 21.05 19.91
N PRO A 181 9.49 22.00 20.84
CA PRO A 181 8.46 23.04 20.98
C PRO A 181 8.42 24.08 19.88
N LYS A 182 9.43 24.10 19.02
CA LYS A 182 9.55 25.01 17.92
C LYS A 182 10.22 24.26 16.78
N PRO A 183 10.13 24.79 15.57
CA PRO A 183 10.72 24.06 14.45
C PRO A 183 12.22 23.94 14.59
N TRP A 184 12.79 22.95 13.90
CA TRP A 184 14.22 22.65 14.02
C TRP A 184 15.10 23.92 14.00
N SER A 185 14.75 24.89 13.17
CA SER A 185 15.54 26.10 13.00
C SER A 185 15.59 27.06 14.20
N GLN A 186 14.60 26.98 15.09
CA GLN A 186 14.50 27.88 16.23
C GLN A 186 14.83 27.19 17.53
N VAL A 187 15.09 25.88 17.50
CA VAL A 187 15.31 25.13 18.73
C VAL A 187 16.81 25.02 18.98
N SER A 188 17.21 24.96 20.25
CA SER A 188 18.63 24.82 20.62
C SER A 188 19.03 23.36 20.79
N ARG A 189 20.33 23.10 20.70
CA ARG A 189 20.87 21.75 20.90
C ARG A 189 20.53 21.16 22.27
N SER A 190 20.37 22.03 23.28
CA SER A 190 20.08 21.55 24.63
C SER A 190 18.67 20.99 24.67
N GLN A 191 17.69 21.83 24.34
CA GLN A 191 16.29 21.41 24.16
C GLN A 191 16.18 20.05 23.48
N ILE A 192 16.83 19.90 22.33
CA ILE A 192 16.79 18.63 21.60
C ILE A 192 17.32 17.49 22.48
N GLU A 193 18.47 17.71 23.10
CA GLU A 193 19.16 16.66 23.84
C GLU A 193 18.46 16.31 25.15
N ASN A 194 17.85 17.31 25.79
CA ASN A 194 17.28 17.14 27.12
C ASN A 194 15.87 16.51 27.17
N ARG A 195 15.37 16.08 26.03
CA ARG A 195 13.97 15.64 25.94
C ARG A 195 13.70 14.40 26.72
N ASN A 196 14.66 13.48 26.74
CA ASN A 196 14.52 12.22 27.44
C ASN A 196 14.46 12.41 28.95
N LYS A 197 14.84 13.59 29.46
CA LYS A 197 14.75 13.87 30.90
C LYS A 197 13.54 14.74 31.26
N LYS A 198 12.90 15.34 30.27
CA LYS A 198 11.74 16.20 30.51
C LYS A 198 10.64 15.41 31.20
N VAL A 199 9.97 16.04 32.17
CA VAL A 199 8.80 15.49 32.83
C VAL A 199 7.67 15.37 31.83
N VAL A 200 7.08 14.18 31.73
CA VAL A 200 5.98 13.95 30.80
C VAL A 200 4.65 14.35 31.46
N ASN A 201 3.83 15.09 30.73
CA ASN A 201 2.45 15.39 31.12
C ASN A 201 1.47 15.12 29.99
N ASN A 202 0.20 14.84 30.32
CA ASN A 202 -0.85 14.85 29.31
C ASN A 202 -1.86 15.98 29.51
N TYR A 203 -1.39 17.09 30.07
CA TYR A 203 -2.23 18.25 30.26
C TYR A 203 -2.22 19.11 29.02
N GLU A 204 -1.03 19.34 28.47
CA GLU A 204 -0.91 20.25 27.35
C GLU A 204 -1.54 19.65 26.10
N GLN A 205 -2.25 20.48 25.34
CA GLN A 205 -2.93 20.03 24.12
C GLN A 205 -3.03 21.18 23.14
N TYR A 206 -2.96 20.85 21.86
CA TYR A 206 -3.25 21.77 20.80
C TYR A 206 -4.45 21.23 20.04
N LEU A 207 -5.50 22.03 19.93
CA LEU A 207 -6.73 21.61 19.29
C LEU A 207 -7.04 22.39 18.04
N SER A 208 -7.29 21.64 16.98
CA SER A 208 -7.72 22.18 15.72
C SER A 208 -9.23 22.03 15.63
N VAL A 209 -9.88 23.06 15.13
CA VAL A 209 -11.27 23.00 14.77
C VAL A 209 -11.35 23.15 13.27
N ILE A 210 -11.95 22.14 12.62
CA ILE A 210 -11.98 22.07 11.18
C ILE A 210 -13.42 21.99 10.70
N ARG A 211 -13.62 22.45 9.47
CA ARG A 211 -14.86 22.28 8.74
C ARG A 211 -14.59 21.19 7.66
N THR A 212 -15.50 20.24 7.52
CA THR A 212 -15.40 19.19 6.49
C THR A 212 -16.84 18.84 6.06
N GLY A 213 -16.97 17.82 5.22
CA GLY A 213 -18.28 17.43 4.78
C GLY A 213 -18.24 16.03 4.21
N ILE A 214 -19.42 15.44 4.05
CA ILE A 214 -19.60 14.19 3.30
C ILE A 214 -21.00 14.20 2.75
N GLY A 215 -21.16 13.80 1.50
CA GLY A 215 -22.44 13.96 0.80
C GLY A 215 -22.78 15.44 0.79
N ASN A 216 -24.00 15.79 1.18
CA ASN A 216 -24.38 17.18 1.26
C ASN A 216 -24.43 17.70 2.70
N VAL A 217 -23.77 17.01 3.63
CA VAL A 217 -23.79 17.43 5.04
C VAL A 217 -22.48 18.14 5.41
N LYS A 218 -22.57 19.21 6.19
CA LYS A 218 -21.39 19.93 6.67
C LYS A 218 -21.14 19.63 8.15
N LEU A 219 -19.89 19.35 8.48
CA LEU A 219 -19.50 19.07 9.87
C LEU A 219 -18.32 19.91 10.30
N VAL A 220 -18.38 20.40 11.53
CA VAL A 220 -17.25 21.02 12.19
C VAL A 220 -16.79 20.08 13.28
N LEU A 221 -15.51 19.72 13.29
CA LEU A 221 -14.96 18.76 14.26
C LEU A 221 -13.81 19.41 15.01
N ALA A 222 -13.80 19.24 16.33
CA ALA A 222 -12.67 19.67 17.14
C ALA A 222 -11.83 18.43 17.47
N GLY A 223 -10.52 18.51 17.26
CA GLY A 223 -9.66 17.41 17.58
C GLY A 223 -8.27 17.85 17.96
N GLU A 224 -7.68 17.05 18.82
CA GLU A 224 -6.37 17.36 19.33
C GLU A 224 -5.32 16.87 18.33
N ILE A 225 -4.29 17.69 18.12
CA ILE A 225 -3.25 17.44 17.11
C ILE A 225 -1.95 17.14 17.82
N ASP A 226 -1.26 16.06 17.44
CA ASP A 226 -0.05 15.67 18.15
C ASP A 226 1.14 16.57 17.83
N CYS A 227 1.34 16.86 16.57
CA CYS A 227 2.45 17.73 16.19
C CYS A 227 2.38 18.12 14.75
N CYS A 228 3.33 18.98 14.36
CA CYS A 228 3.47 19.48 13.03
C CYS A 228 4.76 18.88 12.42
N TRP A 229 4.71 18.53 11.16
CA TRP A 229 5.79 17.74 10.50
C TRP A 229 7.09 18.52 10.29
N ASP A 230 6.94 19.72 9.77
CA ASP A 230 8.07 20.56 9.33
C ASP A 230 7.85 22.03 9.74
N TYR A 231 6.78 22.63 9.25
CA TYR A 231 6.41 24.02 9.57
C TYR A 231 4.92 24.16 9.43
N LEU A 232 4.36 25.16 10.11
CA LEU A 232 2.95 25.51 9.98
C LEU A 232 2.80 26.59 8.93
N PRO A 233 2.16 26.28 7.79
CA PRO A 233 2.02 27.35 6.79
C PRO A 233 1.08 28.46 7.24
N ASP A 234 1.30 29.66 6.72
CA ASP A 234 0.42 30.79 7.01
C ASP A 234 -0.85 30.68 6.19
N GLU A 235 -0.77 29.97 5.06
CA GLU A 235 -1.88 29.79 4.17
C GLU A 235 -2.94 28.87 4.86
N GLN A 236 -4.11 29.43 5.12
CA GLN A 236 -5.12 28.75 5.94
C GLN A 236 -5.56 27.41 5.36
N ASN A 237 -5.79 27.38 4.06
CA ASN A 237 -6.19 26.13 3.39
C ASN A 237 -5.12 25.04 3.30
N LYS A 238 -3.93 25.30 3.85
CA LYS A 238 -2.85 24.30 3.82
C LYS A 238 -2.42 23.83 5.17
N LYS A 239 -2.92 24.41 6.27
CA LYS A 239 -2.44 24.06 7.60
C LYS A 239 -2.59 22.55 7.93
N LEU A 240 -3.75 21.98 7.62
CA LEU A 240 -4.05 20.58 7.97
C LEU A 240 -3.06 19.62 7.32
N ASN A 241 -2.57 20.00 6.14
CA ASN A 241 -1.60 19.22 5.39
C ASN A 241 -0.26 18.98 6.09
N HIS A 242 0.05 19.76 7.14
CA HIS A 242 1.31 19.62 7.85
C HIS A 242 1.23 18.96 9.23
N TYR A 243 0.02 18.55 9.63
CA TYR A 243 -0.16 17.90 10.94
C TYR A 243 0.19 16.41 10.90
N VAL A 244 0.57 15.89 12.06
CA VAL A 244 0.99 14.51 12.25
C VAL A 244 0.31 13.95 13.48
N GLU A 245 -0.07 12.67 13.36
CA GLU A 245 -0.54 11.86 14.47
C GLU A 245 0.49 10.85 14.87
N LEU A 246 0.76 10.80 16.17
CA LEU A 246 1.70 9.85 16.73
C LEU A 246 0.99 8.68 17.36
N LYS A 247 1.57 7.50 17.23
CA LYS A 247 1.07 6.28 17.88
C LYS A 247 2.26 5.46 18.31
N THR A 248 2.04 4.55 19.24
CA THR A 248 3.00 3.51 19.57
C THR A 248 2.34 2.15 19.46
N SER A 249 3.14 1.15 19.14
CA SER A 249 2.69 -0.23 19.14
C SER A 249 3.84 -1.17 19.45
N ARG A 250 3.52 -2.39 19.89
CA ARG A 250 4.56 -3.40 20.04
C ARG A 250 5.06 -3.83 18.66
N ILE A 251 6.35 -4.09 18.55
CA ILE A 251 6.89 -4.74 17.34
C ILE A 251 6.06 -6.01 17.05
N ILE A 252 5.96 -6.38 15.78
CA ILE A 252 5.02 -7.44 15.36
C ILE A 252 5.76 -8.77 15.14
N GLU A 253 5.23 -9.86 15.71
CA GLU A 253 5.94 -11.15 15.79
C GLU A 253 5.19 -12.36 15.23
N ASN A 254 3.87 -12.32 15.16
CA ASN A 254 3.09 -13.34 14.47
C ASN A 254 1.90 -12.75 13.72
N ASN A 255 1.17 -13.60 12.99
CA ASN A 255 -0.03 -13.22 12.24
C ASN A 255 -1.16 -12.75 13.15
N SER A 256 -1.13 -13.14 14.41
CA SER A 256 -2.10 -12.60 15.37
C SER A 256 -1.85 -11.12 15.52
N GLN A 257 -0.57 -10.76 15.57
CA GLN A 257 -0.15 -9.39 15.78
C GLN A 257 -0.41 -8.56 14.53
N VAL A 258 -0.29 -9.18 13.36
CA VAL A 258 -0.64 -8.53 12.11
C VAL A 258 -2.10 -8.10 12.01
N VAL A 259 -3.06 -8.96 12.43
CA VAL A 259 -4.47 -8.54 12.35
C VAL A 259 -4.79 -7.49 13.39
N SER A 260 -4.20 -7.59 14.57
CA SER A 260 -4.36 -6.54 15.57
C SER A 260 -3.79 -5.20 15.09
N PHE A 261 -2.63 -5.22 14.44
CA PHE A 261 -2.03 -4.01 13.94
C PHE A 261 -2.91 -3.41 12.85
N GLU A 262 -3.45 -4.26 11.95
CA GLU A 262 -4.45 -3.79 10.97
C GLU A 262 -5.63 -3.07 11.65
N GLN A 263 -6.15 -3.66 12.72
CA GLN A 263 -7.29 -3.08 13.43
C GLN A 263 -6.95 -1.69 14.02
N LYS A 264 -5.78 -1.55 14.63
CA LYS A 264 -5.34 -0.28 15.22
C LYS A 264 -5.09 0.76 14.17
N LEU A 265 -4.47 0.33 13.06
CA LEU A 265 -4.17 1.20 11.93
C LEU A 265 -5.42 1.71 11.25
N PHE A 266 -6.46 0.91 11.26
CA PHE A 266 -7.74 1.34 10.70
C PHE A 266 -8.33 2.45 11.58
N LYS A 267 -8.27 2.26 12.89
CA LYS A 267 -8.77 3.25 13.85
C LYS A 267 -7.98 4.56 13.71
N ALA A 268 -6.65 4.45 13.54
CA ALA A 268 -5.82 5.62 13.27
C ALA A 268 -6.22 6.32 11.98
N TRP A 269 -6.43 5.54 10.92
CA TRP A 269 -6.95 6.07 9.68
C TRP A 269 -8.27 6.78 9.93
N CYS A 270 -9.19 6.16 10.67
CA CYS A 270 -10.50 6.81 10.90
C CYS A 270 -10.34 8.22 11.49
N GLN A 271 -9.46 8.28 12.47
CA GLN A 271 -9.23 9.48 13.26
C GLN A 271 -8.58 10.58 12.37
N CYS A 272 -7.65 10.19 11.54
CA CYS A 272 -6.87 11.13 10.74
C CYS A 272 -7.56 11.53 9.46
N PHE A 273 -8.26 10.58 8.82
CA PHE A 273 -9.11 10.90 7.68
C PHE A 273 -10.15 11.95 8.05
N LEU A 274 -10.84 11.79 9.18
CA LEU A 274 -11.89 12.75 9.56
C LEU A 274 -11.34 14.17 9.73
N MET A 275 -10.11 14.26 10.20
CA MET A 275 -9.49 15.51 10.59
C MET A 275 -8.59 16.14 9.51
N GLY A 276 -8.41 15.45 8.39
CA GLY A 276 -7.47 15.92 7.39
C GLY A 276 -5.99 15.78 7.71
N VAL A 277 -5.66 14.90 8.65
CA VAL A 277 -4.27 14.65 9.00
C VAL A 277 -3.68 13.61 8.03
N THR A 278 -2.57 13.95 7.38
CA THR A 278 -2.05 13.17 6.24
C THR A 278 -0.89 12.25 6.62
N LYS A 279 -0.40 12.36 7.85
CA LYS A 279 0.77 11.59 8.28
C LYS A 279 0.49 10.93 9.65
N ILE A 280 0.74 9.62 9.72
CA ILE A 280 0.70 8.85 10.97
C ILE A 280 2.03 8.17 11.22
N ILE A 281 2.64 8.42 12.37
CA ILE A 281 3.96 7.90 12.68
C ILE A 281 3.79 6.93 13.85
N TYR A 282 4.22 5.70 13.64
CA TYR A 282 4.24 4.68 14.67
C TYR A 282 5.62 4.51 15.27
N GLY A 283 5.69 4.60 16.59
CA GLY A 283 6.87 4.16 17.33
C GLY A 283 6.65 2.72 17.76
N PHE A 284 7.42 1.80 17.17
CA PHE A 284 7.37 0.38 17.53
C PHE A 284 8.36 0.08 18.66
N ARG A 285 7.87 -0.53 19.73
CA ARG A 285 8.68 -0.78 20.92
C ARG A 285 8.65 -2.27 21.29
N ASP A 286 9.66 -2.71 22.02
CA ASP A 286 9.74 -4.14 22.40
C ASP A 286 9.07 -4.42 23.76
N ASN A 287 9.15 -5.66 24.24
CA ASN A 287 8.54 -6.02 25.52
C ASN A 287 9.02 -5.22 26.72
N ASN A 288 10.26 -4.76 26.68
CA ASN A 288 10.80 -3.92 27.75
C ASN A 288 10.58 -2.43 27.51
N LEU A 289 9.70 -2.13 26.55
CA LEU A 289 9.29 -0.76 26.27
C LEU A 289 10.43 0.12 25.76
N ILE A 290 11.41 -0.48 25.09
CA ILE A 290 12.44 0.27 24.43
C ILE A 290 11.97 0.53 22.98
N LEU A 291 12.12 1.76 22.50
CA LEU A 291 11.77 2.10 21.12
C LEU A 291 12.79 1.46 20.20
N LYS A 292 12.31 0.69 19.23
CA LYS A 292 13.16 -0.09 18.32
C LYS A 292 13.21 0.53 16.95
N ASN A 293 12.07 0.96 16.43
CA ASN A 293 12.04 1.66 15.16
C ASN A 293 10.78 2.53 14.99
N VAL A 294 10.85 3.46 14.05
CA VAL A 294 9.77 4.38 13.77
C VAL A 294 9.39 4.29 12.32
N GLU A 295 8.10 4.29 12.03
CA GLU A 295 7.61 4.22 10.66
C GLU A 295 6.48 5.21 10.37
N LEU A 296 6.67 5.98 9.30
CA LEU A 296 5.66 6.89 8.74
C LEU A 296 4.71 6.22 7.76
N PHE A 297 3.41 6.43 7.96
CA PHE A 297 2.40 6.06 7.00
C PHE A 297 1.72 7.30 6.49
N ASN A 298 1.45 7.30 5.20
CA ASN A 298 0.61 8.34 4.58
C ASN A 298 -0.84 7.92 4.71
N THR A 299 -1.65 8.75 5.37
CA THR A 299 -3.03 8.44 5.64
C THR A 299 -3.78 7.94 4.41
N GLU A 300 -3.62 8.63 3.28
CA GLU A 300 -4.31 8.29 2.06
C GLU A 300 -3.92 6.91 1.50
N GLU A 301 -2.79 6.37 1.92
CA GLU A 301 -2.33 5.06 1.43
C GLU A 301 -2.80 3.89 2.29
N ILE A 302 -3.18 4.18 3.54
CA ILE A 302 -3.66 3.12 4.41
C ILE A 302 -4.81 2.23 3.83
N PRO A 303 -5.83 2.81 3.16
CA PRO A 303 -6.86 1.93 2.60
C PRO A 303 -6.29 0.86 1.67
N ILE A 304 -5.29 1.22 0.87
CA ILE A 304 -4.63 0.29 -0.05
C ILE A 304 -3.82 -0.76 0.68
N LEU A 305 -3.16 -0.34 1.75
CA LEU A 305 -2.34 -1.25 2.52
C LEU A 305 -3.22 -2.32 3.16
N ILE A 306 -4.35 -1.89 3.70
CA ILE A 306 -5.30 -2.79 4.34
C ILE A 306 -5.92 -3.75 3.27
N LYS A 307 -6.38 -3.21 2.16
CA LYS A 307 -7.06 -4.00 1.14
C LYS A 307 -6.15 -5.09 0.54
N ASN A 308 -4.85 -4.81 0.48
CA ASN A 308 -3.88 -5.67 -0.21
C ASN A 308 -2.93 -6.48 0.66
N ASN A 309 -3.16 -6.49 1.97
CA ASN A 309 -2.33 -7.28 2.84
C ASN A 309 -2.68 -8.77 2.68
N PRO A 310 -1.73 -9.58 2.19
CA PRO A 310 -2.02 -10.99 1.94
C PRO A 310 -2.29 -11.80 3.22
N LEU A 311 -1.84 -11.31 4.38
CA LEU A 311 -2.06 -12.03 5.63
C LEU A 311 -3.39 -11.75 6.32
N THR A 312 -4.15 -10.72 5.92
CA THR A 312 -5.31 -10.38 6.73
C THR A 312 -6.63 -10.55 6.03
N ASN A 313 -6.79 -11.61 5.24
CA ASN A 313 -8.10 -11.86 4.67
C ASN A 313 -9.10 -12.45 5.67
N ALA A 314 -10.36 -12.16 5.41
CA ALA A 314 -11.48 -12.66 6.20
C ALA A 314 -12.74 -12.64 5.32
N ALA A 315 -13.81 -13.24 5.82
CA ALA A 315 -15.11 -13.09 5.18
C ALA A 315 -15.36 -11.61 4.97
N THR A 316 -15.96 -11.27 3.82
CA THR A 316 -16.22 -9.88 3.46
C THR A 316 -16.82 -9.09 4.63
N GLU A 317 -17.74 -9.69 5.37
CA GLU A 317 -18.36 -9.02 6.52
C GLU A 317 -17.35 -8.63 7.62
N LYS A 318 -16.32 -9.46 7.84
CA LYS A 318 -15.31 -9.20 8.87
C LYS A 318 -14.04 -8.47 8.41
N LYS A 319 -13.73 -8.48 7.12
CA LYS A 319 -12.50 -7.86 6.60
C LYS A 319 -12.65 -6.34 6.57
N ILE A 320 -11.78 -5.62 7.26
CA ILE A 320 -11.81 -4.15 7.24
C ILE A 320 -11.71 -3.59 5.82
N ASN A 321 -12.68 -2.76 5.46
CA ASN A 321 -12.70 -2.04 4.21
C ASN A 321 -13.08 -0.57 4.45
N CYS A 322 -12.16 0.32 4.10
CA CYS A 322 -12.32 1.74 4.45
C CYS A 322 -13.47 2.38 3.71
N THR A 323 -13.69 2.01 2.45
CA THR A 323 -14.81 2.55 1.66
C THR A 323 -16.17 2.15 2.25
N ASN A 324 -16.28 0.91 2.73
CA ASN A 324 -17.53 0.45 3.35
C ASN A 324 -17.83 1.26 4.60
N ALA A 325 -16.79 1.48 5.42
CA ALA A 325 -16.95 2.30 6.63
C ALA A 325 -17.44 3.69 6.29
N LEU A 326 -16.87 4.29 5.25
CA LEU A 326 -17.21 5.64 4.86
C LEU A 326 -18.65 5.74 4.41
N LYS A 327 -19.15 4.72 3.73
CA LYS A 327 -20.56 4.68 3.33
C LYS A 327 -21.53 4.53 4.51
N TRP A 328 -21.14 3.79 5.54
CA TRP A 328 -21.91 3.73 6.75
C TRP A 328 -21.91 5.13 7.41
N TYR A 329 -20.74 5.76 7.51
CA TYR A 329 -20.61 7.09 8.15
C TYR A 329 -21.49 8.08 7.39
N GLY A 330 -21.44 8.05 6.06
CA GLY A 330 -22.27 8.92 5.24
C GLY A 330 -23.77 8.73 5.42
N ALA A 331 -24.19 7.48 5.60
CA ALA A 331 -25.59 7.15 5.86
C ALA A 331 -26.02 7.71 7.22
N VAL A 332 -25.17 7.50 8.23
CA VAL A 332 -25.46 8.02 9.58
C VAL A 332 -25.66 9.53 9.55
N VAL A 333 -24.71 10.30 9.02
CA VAL A 333 -24.76 11.76 9.13
C VAL A 333 -25.90 12.36 8.29
N ASP A 334 -26.15 11.80 7.11
CA ASP A 334 -27.33 12.16 6.36
C ASP A 334 -28.64 11.88 7.15
N TRP A 335 -28.70 10.76 7.86
CA TRP A 335 -29.87 10.41 8.68
C TRP A 335 -30.05 11.44 9.79
N LEU A 336 -28.98 11.74 10.51
CA LEU A 336 -29.05 12.79 11.53
C LEU A 336 -29.50 14.14 10.93
N ASN A 337 -29.02 14.44 9.74
CA ASN A 337 -29.26 15.74 9.11
C ASN A 337 -30.68 15.92 8.56
N THR A 338 -31.41 14.83 8.33
CA THR A 338 -32.77 14.93 7.78
C THR A 338 -33.87 14.47 8.76
N THR A 339 -33.46 13.90 9.89
CA THR A 339 -34.36 13.30 10.84
C THR A 339 -34.69 14.26 11.96
N VAL A 340 -33.68 14.97 12.47
CA VAL A 340 -33.88 15.81 13.63
C VAL A 340 -34.23 17.20 13.10
N ASP A 341 -35.27 17.83 13.68
CA ASP A 341 -35.65 19.21 13.32
C ASP A 341 -34.70 20.17 13.99
N LYS A 342 -33.81 20.79 13.20
CA LYS A 342 -32.75 21.65 13.74
C LYS A 342 -33.26 22.95 14.33
N LYS A 343 -34.50 23.30 14.01
CA LYS A 343 -35.11 24.54 14.47
C LYS A 343 -35.90 24.36 15.77
N ASP A 344 -36.14 23.11 16.17
CA ASP A 344 -36.90 22.86 17.40
C ASP A 344 -36.00 22.74 18.62
N GLU A 345 -35.88 23.84 19.35
CA GLU A 345 -34.99 23.95 20.49
C GLU A 345 -35.68 23.56 21.79
N ILE A 346 -36.75 22.81 21.65
CA ILE A 346 -37.62 22.47 22.76
C ILE A 346 -37.18 21.14 23.37
N LYS A 347 -36.33 20.41 22.66
CA LYS A 347 -35.86 19.13 23.17
C LYS A 347 -34.47 18.74 22.69
N SER A 348 -34.03 17.60 23.22
CA SER A 348 -32.72 17.00 22.94
C SER A 348 -32.93 15.50 22.79
N TYR A 349 -31.89 14.83 22.27
CA TYR A 349 -31.94 13.40 21.95
C TYR A 349 -30.71 12.62 22.41
N ARG A 350 -30.95 11.35 22.73
CA ARG A 350 -29.91 10.35 22.92
C ARG A 350 -29.72 9.66 21.60
N LEU A 351 -28.48 9.59 21.15
CA LEU A 351 -28.12 8.78 19.99
C LEU A 351 -27.32 7.62 20.56
N LYS A 352 -27.78 6.40 20.33
CA LYS A 352 -27.22 5.24 21.02
C LYS A 352 -26.96 4.10 20.04
N TYR A 353 -25.75 3.57 20.03
CA TYR A 353 -25.47 2.27 19.43
C TYR A 353 -25.43 1.25 20.56
N ASP A 354 -26.32 0.27 20.48
CA ASP A 354 -26.50 -0.80 21.48
C ASP A 354 -26.02 -2.11 20.85
N PRO A 355 -24.83 -2.60 21.26
CA PRO A 355 -24.29 -3.83 20.66
C PRO A 355 -25.07 -5.12 21.02
N VAL A 356 -25.80 -5.14 22.12
CA VAL A 356 -26.52 -6.39 22.47
C VAL A 356 -27.79 -6.47 21.62
N ARG A 357 -28.53 -5.37 21.53
CA ARG A 357 -29.72 -5.33 20.68
C ARG A 357 -29.39 -5.07 19.20
N LYS A 358 -28.13 -4.74 18.88
CA LYS A 358 -27.71 -4.45 17.49
C LYS A 358 -28.56 -3.37 16.86
N SER A 359 -28.65 -2.22 17.52
CA SER A 359 -29.51 -1.16 17.10
C SER A 359 -28.81 0.19 17.19
N PHE A 360 -29.20 1.10 16.31
CA PHE A 360 -28.66 2.45 16.20
C PHE A 360 -29.88 3.37 16.22
N THR A 361 -30.07 4.10 17.33
CA THR A 361 -31.32 4.79 17.59
C THR A 361 -31.20 6.21 18.14
N LEU A 362 -32.24 6.98 17.86
CA LEU A 362 -32.37 8.33 18.31
C LEU A 362 -33.68 8.39 19.11
N SER A 363 -33.60 8.79 20.37
CA SER A 363 -34.79 8.93 21.19
C SER A 363 -34.73 10.25 21.97
N GLU A 364 -35.89 10.78 22.31
CA GLU A 364 -35.95 12.04 23.02
C GLU A 364 -35.47 11.87 24.45
N THR A 365 -34.70 12.82 24.94
CA THR A 365 -34.32 12.82 26.33
C THR A 365 -35.48 13.29 27.24
N ASP A 366 -35.27 13.05 28.52
CA ASP A 366 -36.11 13.56 29.61
C ASP A 366 -35.96 15.10 29.68
N SER A 367 -37.04 15.77 30.08
CA SER A 367 -37.03 17.23 30.24
C SER A 367 -35.84 17.71 31.06
N GLU A 368 -35.55 17.04 32.17
CA GLU A 368 -34.48 17.45 33.09
C GLU A 368 -33.10 17.36 32.42
N THR A 369 -32.93 16.36 31.56
CA THR A 369 -31.69 16.16 30.81
C THR A 369 -31.54 17.23 29.74
N ASN A 370 -32.62 17.51 29.03
CA ASN A 370 -32.63 18.61 28.06
C ASN A 370 -32.24 19.94 28.69
N GLU A 371 -32.86 20.23 29.84
CA GLU A 371 -32.52 21.45 30.60
C GLU A 371 -31.06 21.49 30.99
N LYS A 372 -30.51 20.41 31.52
CA LYS A 372 -29.09 20.41 31.87
C LYS A 372 -28.23 20.67 30.63
N LEU A 373 -28.59 20.04 29.52
CA LEU A 373 -27.79 20.14 28.32
C LEU A 373 -27.72 21.60 27.85
N ARG A 374 -28.88 22.24 27.90
CA ARG A 374 -29.04 23.57 27.34
C ARG A 374 -28.63 24.67 28.31
N ASN A 375 -28.43 24.34 29.59
CA ASN A 375 -28.02 25.32 30.61
C ASN A 375 -26.71 24.99 31.29
N GLY A 376 -25.66 24.66 30.52
CA GLY A 376 -24.35 24.47 31.10
C GLY A 376 -23.61 23.22 30.69
N GLN A 377 -24.34 22.12 30.53
CA GLN A 377 -23.71 20.82 30.31
C GLN A 377 -23.23 20.63 28.86
N LEU A 378 -23.83 21.37 27.92
CA LEU A 378 -23.36 21.46 26.55
C LEU A 378 -23.33 22.93 26.18
N LEU A 379 -24.52 23.51 25.97
CA LEU A 379 -24.65 24.94 25.67
C LEU A 379 -24.36 25.76 26.91
N THR A 380 -23.75 26.93 26.71
CA THR A 380 -23.50 27.86 27.77
C THR A 380 -24.26 29.15 27.51
N PRO A 381 -24.49 29.93 28.60
CA PRO A 381 -25.26 31.17 28.43
C PRO A 381 -24.53 32.21 27.60
N GLU A 382 -23.20 32.23 27.66
CA GLU A 382 -22.39 33.12 26.83
C GLU A 382 -22.60 32.79 25.35
N PHE A 383 -22.65 31.50 25.03
CA PHE A 383 -22.79 31.10 23.62
C PHE A 383 -24.17 31.35 23.07
N THR A 384 -25.21 30.98 23.81
CA THR A 384 -26.60 31.24 23.39
C THR A 384 -26.84 32.75 23.17
N GLU A 385 -26.35 33.58 24.09
CA GLU A 385 -26.47 35.04 23.95
C GLU A 385 -25.76 35.53 22.71
N TRP A 386 -24.51 35.08 22.53
CA TRP A 386 -23.78 35.44 21.31
C TRP A 386 -24.61 35.12 20.07
N ARG A 387 -25.14 33.90 19.97
CA ARG A 387 -25.87 33.53 18.76
C ARG A 387 -27.21 34.29 18.56
N GLN A 388 -27.90 34.55 19.66
CA GLN A 388 -29.14 35.34 19.63
C GLN A 388 -28.86 36.75 19.15
N SER A 389 -27.69 37.28 19.50
CA SER A 389 -27.27 38.64 19.11
C SER A 389 -27.05 38.86 17.61
N LEU A 390 -26.76 37.80 16.86
CA LEU A 390 -26.57 37.92 15.39
C LEU A 390 -27.91 38.02 14.66
N LYS A 391 -29.00 37.68 15.34
CA LYS A 391 -30.33 37.75 14.77
C LYS A 391 -31.25 38.57 15.65
N MET B 2 40.10 -7.66 -19.59
CA MET B 2 40.02 -6.17 -19.41
C MET B 2 38.69 -5.60 -19.90
N ALA B 3 38.15 -4.64 -19.14
CA ALA B 3 36.75 -4.25 -19.27
C ALA B 3 36.46 -2.88 -18.63
N LYS B 4 35.42 -2.22 -19.14
CA LYS B 4 34.92 -1.00 -18.51
C LYS B 4 33.94 -1.41 -17.41
N SER B 5 33.92 -0.68 -16.30
CA SER B 5 33.08 -1.09 -15.17
C SER B 5 32.10 0.02 -14.78
N LEU B 6 30.91 -0.38 -14.32
CA LEU B 6 29.94 0.57 -13.83
C LEU B 6 29.81 0.34 -12.33
N PRO B 7 30.23 1.35 -11.53
CA PRO B 7 30.11 1.17 -10.09
C PRO B 7 28.68 0.78 -9.68
N LEU B 8 28.60 -0.21 -8.79
CA LEU B 8 27.32 -0.74 -8.35
C LEU B 8 26.42 0.28 -7.64
N ASN B 9 27.01 1.32 -7.04
CA ASN B 9 26.19 2.36 -6.38
C ASN B 9 25.69 3.42 -7.32
N SER B 10 25.99 3.29 -8.62
CA SER B 10 25.52 4.27 -9.60
C SER B 10 24.00 4.35 -9.69
N ARG B 11 23.49 5.57 -9.75
CA ARG B 11 22.07 5.81 -9.83
C ARG B 11 21.83 7.04 -10.72
N SER B 12 20.86 6.96 -11.60
CA SER B 12 20.50 8.09 -12.43
C SER B 12 19.59 9.02 -11.63
N LYS B 13 19.28 10.19 -12.19
CA LYS B 13 18.27 11.10 -11.62
C LYS B 13 16.84 10.62 -11.81
N THR B 14 15.95 11.16 -10.99
CA THR B 14 14.51 10.96 -11.13
C THR B 14 14.07 11.47 -12.50
N THR B 15 13.29 10.67 -13.23
CA THR B 15 12.90 11.01 -14.62
C THR B 15 11.39 11.16 -14.78
N LYS B 18 8.14 6.91 -18.72
CA LYS B 18 7.63 6.61 -20.05
C LYS B 18 6.60 5.46 -20.06
N GLN B 19 5.50 5.65 -20.76
CA GLN B 19 4.43 4.66 -20.78
C GLN B 19 4.70 3.67 -21.89
N PRO B 20 4.77 2.37 -21.57
CA PRO B 20 5.04 1.38 -22.60
C PRO B 20 3.83 1.17 -23.53
N ARG B 21 4.08 0.67 -24.73
CA ARG B 21 3.03 0.44 -25.74
C ARG B 21 3.39 -0.76 -26.57
N GLU B 22 2.41 -1.64 -26.82
CA GLU B 22 2.63 -2.82 -27.67
C GLU B 22 2.81 -2.40 -29.13
N LEU B 23 3.88 -2.85 -29.78
CA LEU B 23 4.08 -2.64 -31.20
C LEU B 23 3.38 -3.72 -31.97
N PHE B 24 3.66 -4.96 -31.61
CA PHE B 24 3.04 -6.13 -32.20
C PHE B 24 3.16 -7.37 -31.30
N SER B 25 2.60 -8.48 -31.73
CA SER B 25 2.73 -9.74 -30.99
C SER B 25 2.93 -10.90 -31.93
N TYR B 26 3.38 -12.02 -31.37
CA TYR B 26 3.52 -13.28 -32.09
C TYR B 26 3.32 -14.41 -31.05
N ALA B 27 3.42 -15.66 -31.47
CA ALA B 27 3.06 -16.78 -30.61
C ALA B 27 3.91 -17.98 -30.88
N ARG B 28 3.89 -18.92 -29.93
CA ARG B 28 4.50 -20.24 -30.11
C ARG B 28 3.41 -21.27 -29.86
N ASP B 29 3.29 -22.22 -30.78
CA ASP B 29 2.21 -23.20 -30.73
C ASP B 29 2.57 -24.45 -29.94
N ILE B 30 1.63 -25.40 -29.90
CA ILE B 30 1.71 -26.56 -29.01
C ILE B 30 2.85 -27.50 -29.36
N ASP B 31 3.33 -27.42 -30.59
CA ASP B 31 4.49 -28.18 -31.04
C ASP B 31 5.79 -27.38 -30.97
N GLY B 32 5.77 -26.19 -30.38
CA GLY B 32 6.99 -25.38 -30.30
C GLY B 32 7.37 -24.55 -31.53
N LYS B 33 6.49 -24.46 -32.52
CA LYS B 33 6.74 -23.66 -33.72
C LYS B 33 6.16 -22.26 -33.55
N TYR B 34 6.88 -21.24 -34.03
CA TYR B 34 6.39 -19.86 -33.92
C TYR B 34 5.33 -19.53 -34.98
N VAL B 35 4.44 -18.61 -34.63
CA VAL B 35 3.25 -18.25 -35.39
C VAL B 35 3.26 -16.75 -35.50
N TYR B 36 3.18 -16.21 -36.71
CA TYR B 36 3.25 -14.76 -36.89
C TYR B 36 1.95 -14.14 -37.37
N ASP B 37 1.05 -14.96 -37.93
CA ASP B 37 -0.25 -14.50 -38.41
C ASP B 37 -1.31 -14.75 -37.36
N ASP B 38 -2.19 -13.79 -37.15
CA ASP B 38 -3.25 -13.96 -36.15
C ASP B 38 -2.75 -14.53 -34.80
N PRO B 39 -1.65 -13.98 -34.26
CA PRO B 39 -1.19 -14.38 -32.92
C PRO B 39 -2.23 -14.26 -31.84
N GLU B 40 -3.17 -13.34 -31.99
CA GLU B 40 -4.15 -13.08 -30.95
C GLU B 40 -5.09 -14.25 -30.70
N ASN B 41 -5.15 -15.18 -31.66
CA ASN B 41 -5.81 -16.46 -31.43
C ASN B 41 -5.14 -17.35 -30.36
N SER B 42 -3.93 -17.00 -29.95
CA SER B 42 -3.21 -17.76 -28.95
C SER B 42 -3.33 -17.14 -27.57
N LEU B 43 -4.00 -15.98 -27.47
CA LEU B 43 -4.11 -15.28 -26.22
C LEU B 43 -5.28 -15.88 -25.40
N SER B 44 -4.99 -16.31 -24.17
CA SER B 44 -6.04 -16.77 -23.26
C SER B 44 -6.61 -15.62 -22.37
N TYR B 45 -7.70 -15.92 -21.66
CA TYR B 45 -8.43 -14.95 -20.86
C TYR B 45 -8.58 -15.49 -19.44
N TYR B 46 -8.45 -14.60 -18.47
CA TYR B 46 -8.56 -15.00 -17.08
C TYR B 46 -10.00 -15.36 -16.78
N TYR B 47 -10.21 -16.48 -16.11
CA TYR B 47 -11.56 -16.87 -15.68
C TYR B 47 -11.47 -17.84 -14.49
N LEU B 48 -11.64 -17.31 -13.28
CA LEU B 48 -11.52 -18.19 -12.09
C LEU B 48 -12.38 -17.66 -10.93
N PRO B 49 -13.67 -17.99 -10.93
CA PRO B 49 -14.54 -17.44 -9.91
C PRO B 49 -14.16 -17.89 -8.50
N ASP B 50 -14.38 -17.01 -7.52
CA ASP B 50 -14.25 -17.39 -6.10
C ASP B 50 -14.98 -18.66 -5.76
N SER B 51 -16.19 -18.86 -6.30
CA SER B 51 -16.95 -20.09 -6.01
C SER B 51 -16.25 -21.33 -6.55
N THR B 52 -15.47 -21.17 -7.60
CA THR B 52 -14.67 -22.30 -8.11
C THR B 52 -13.42 -22.55 -7.26
N ILE B 53 -12.76 -21.48 -6.83
CA ILE B 53 -11.64 -21.60 -5.88
C ILE B 53 -12.14 -22.37 -4.63
N ASP B 54 -13.37 -22.13 -4.20
CA ASP B 54 -13.86 -22.76 -2.96
C ASP B 54 -13.83 -24.28 -3.03
N THR B 55 -13.82 -24.86 -4.22
CA THR B 55 -13.86 -26.31 -4.35
C THR B 55 -12.52 -27.03 -4.08
N GLY B 56 -11.42 -26.30 -3.85
CA GLY B 56 -10.14 -26.95 -3.48
C GLY B 56 -9.43 -27.63 -4.66
N ILE B 57 -9.06 -26.84 -5.66
CA ILE B 57 -8.47 -27.37 -6.89
C ILE B 57 -7.07 -27.89 -6.59
N ASP B 58 -6.78 -29.10 -7.06
CA ASP B 58 -5.49 -29.75 -6.84
C ASP B 58 -4.50 -29.36 -7.90
N LEU B 59 -3.49 -28.56 -7.55
CA LEU B 59 -2.61 -28.03 -8.58
C LEU B 59 -1.52 -29.04 -9.02
N GLN B 60 -1.48 -30.22 -8.42
CA GLN B 60 -0.61 -31.27 -8.94
C GLN B 60 -1.38 -32.36 -9.69
N GLY B 61 -2.69 -32.21 -9.83
CA GLY B 61 -3.50 -33.11 -10.64
C GLY B 61 -3.01 -33.10 -12.08
N GLY B 62 -2.77 -34.29 -12.62
CA GLY B 62 -2.30 -34.39 -13.99
C GLY B 62 -0.78 -34.32 -14.18
N TYR B 63 -0.02 -34.20 -13.08
CA TYR B 63 1.45 -34.07 -13.13
C TYR B 63 2.13 -35.09 -14.08
N SER B 64 1.67 -36.32 -14.01
CA SER B 64 2.27 -37.42 -14.81
C SER B 64 2.02 -37.29 -16.31
N LYS B 65 1.08 -36.45 -16.70
CA LYS B 65 0.82 -36.21 -18.12
C LYS B 65 1.37 -34.90 -18.63
N PHE B 66 2.13 -34.17 -17.81
CA PHE B 66 2.73 -32.90 -18.22
C PHE B 66 3.50 -32.99 -19.56
N LYS B 67 3.13 -32.14 -20.51
CA LYS B 67 3.88 -32.02 -21.77
C LYS B 67 4.83 -30.84 -21.65
N LYS B 68 6.09 -31.16 -21.33
CA LYS B 68 7.10 -30.21 -20.91
C LYS B 68 8.14 -30.07 -22.02
N ILE B 69 8.37 -28.84 -22.47
CA ILE B 69 9.37 -28.57 -23.50
C ILE B 69 10.77 -28.76 -22.90
N PRO B 70 11.67 -29.42 -23.63
CA PRO B 70 13.01 -29.50 -23.07
C PRO B 70 13.66 -28.13 -22.93
N ASP B 71 14.42 -27.98 -21.85
CA ASP B 71 15.00 -26.66 -21.53
C ASP B 71 15.82 -26.07 -22.68
N GLU B 72 16.61 -26.90 -23.36
CA GLU B 72 17.45 -26.44 -24.48
C GLU B 72 16.63 -25.89 -25.64
N GLN B 73 15.39 -26.34 -25.76
CA GLN B 73 14.46 -25.81 -26.76
C GLN B 73 13.62 -24.62 -26.32
N ASN B 74 13.81 -24.16 -25.08
CA ASN B 74 12.94 -23.15 -24.46
C ASN B 74 13.70 -21.86 -24.06
N LEU B 75 14.84 -21.61 -24.68
CA LEU B 75 15.58 -20.39 -24.47
C LEU B 75 14.94 -19.24 -25.25
N ALA B 76 15.14 -18.00 -24.80
CA ALA B 76 14.71 -16.82 -25.57
C ALA B 76 15.27 -16.92 -26.98
N ASP B 77 14.42 -16.72 -27.97
CA ASP B 77 14.81 -17.03 -29.35
C ASP B 77 14.84 -15.79 -30.22
N PHE B 78 16.06 -15.31 -30.49
CA PHE B 78 16.19 -14.13 -31.32
C PHE B 78 15.82 -14.37 -32.77
N ASN B 79 15.91 -15.62 -33.21
CA ASN B 79 15.56 -15.92 -34.61
C ASN B 79 14.11 -15.55 -34.92
N SER B 80 13.17 -16.06 -34.13
CA SER B 80 11.74 -15.73 -34.28
C SER B 80 11.46 -14.28 -34.00
N LEU B 81 12.13 -13.72 -32.99
CA LEU B 81 11.88 -12.31 -32.70
C LEU B 81 12.20 -11.45 -33.91
N LEU B 82 13.34 -11.72 -34.55
CA LEU B 82 13.76 -10.92 -35.71
C LEU B 82 12.83 -11.17 -36.91
N LYS B 83 12.35 -12.40 -37.05
CA LYS B 83 11.33 -12.70 -38.06
C LYS B 83 10.06 -11.87 -37.84
N ALA B 84 9.65 -11.73 -36.58
CA ALA B 84 8.43 -10.99 -36.29
C ALA B 84 8.67 -9.52 -36.50
N ILE B 85 9.87 -9.06 -36.13
CA ILE B 85 10.28 -7.69 -36.40
C ILE B 85 10.28 -7.34 -37.91
N ILE B 86 10.81 -8.24 -38.72
CA ILE B 86 10.86 -8.02 -40.18
C ILE B 86 9.43 -7.85 -40.71
N LYS B 87 8.52 -8.70 -40.26
CA LYS B 87 7.13 -8.61 -40.72
C LYS B 87 6.51 -7.26 -40.37
N TYR B 88 6.71 -6.85 -39.12
CA TYR B 88 6.15 -5.58 -38.68
C TYR B 88 6.77 -4.42 -39.45
N GLU B 89 8.11 -4.40 -39.53
CA GLU B 89 8.81 -3.26 -40.19
C GLU B 89 8.47 -3.18 -41.68
N THR B 90 8.38 -4.35 -42.33
CA THR B 90 7.91 -4.40 -43.71
C THR B 90 6.54 -3.73 -43.87
N SER B 91 5.59 -4.15 -43.05
CA SER B 91 4.25 -3.60 -43.11
C SER B 91 4.27 -2.12 -42.83
N GLU B 92 5.22 -1.67 -42.00
CA GLU B 92 5.33 -0.25 -41.65
C GLU B 92 6.17 0.58 -42.61
N GLY B 93 7.01 -0.09 -43.41
CA GLY B 93 7.95 0.57 -44.33
C GLY B 93 9.26 1.06 -43.73
N LYS B 94 9.43 0.93 -42.41
CA LYS B 94 10.60 1.47 -41.74
C LYS B 94 10.94 0.68 -40.47
N LYS B 95 12.17 0.87 -39.99
CA LYS B 95 12.62 0.15 -38.81
C LYS B 95 11.93 0.68 -37.55
N ILE B 96 11.87 -0.15 -36.51
CA ILE B 96 11.39 0.28 -35.22
C ILE B 96 12.33 1.33 -34.64
N SER B 97 11.75 2.35 -34.05
CA SER B 97 12.55 3.40 -33.42
C SER B 97 12.90 2.93 -32.00
N SER B 98 14.19 2.66 -31.76
CA SER B 98 14.67 2.32 -30.43
C SER B 98 16.19 2.39 -30.36
N ASP B 99 16.73 2.45 -29.14
CA ASP B 99 18.17 2.38 -28.91
C ASP B 99 18.60 0.96 -28.57
N ILE B 100 17.73 0.22 -27.90
CA ILE B 100 18.00 -1.18 -27.51
C ILE B 100 16.86 -2.09 -27.90
N ILE B 101 17.19 -3.26 -28.47
CA ILE B 101 16.21 -4.32 -28.70
C ILE B 101 16.64 -5.57 -27.91
N THR B 102 15.74 -6.05 -27.03
CA THR B 102 16.02 -7.20 -26.19
C THR B 102 14.78 -7.94 -25.66
N PHE B 103 15.00 -8.94 -24.81
CA PHE B 103 13.91 -9.63 -24.09
C PHE B 103 13.68 -9.05 -22.71
N ARG B 104 12.42 -9.06 -22.27
CA ARG B 104 12.03 -8.49 -20.98
C ARG B 104 12.84 -9.14 -19.85
N GLU B 105 13.04 -10.44 -19.96
CA GLU B 105 13.72 -11.22 -18.94
C GLU B 105 15.16 -10.69 -18.66
N ILE B 106 15.83 -10.15 -19.68
CA ILE B 106 17.19 -9.63 -19.52
C ILE B 106 17.14 -8.36 -18.69
N MET B 107 16.23 -7.45 -19.00
CA MET B 107 16.12 -6.22 -18.23
C MET B 107 15.60 -6.47 -16.83
N THR B 108 14.78 -7.52 -16.67
CA THR B 108 14.27 -7.94 -15.37
C THR B 108 15.44 -8.23 -14.42
N LYS B 109 16.40 -8.96 -14.93
CA LYS B 109 17.59 -9.31 -14.21
C LYS B 109 18.38 -8.09 -13.81
N ILE B 110 18.52 -7.11 -14.71
CA ILE B 110 19.28 -5.91 -14.40
C ILE B 110 18.50 -5.03 -13.40
N LEU B 111 17.20 -4.89 -13.61
CA LEU B 111 16.39 -4.11 -12.69
C LEU B 111 16.35 -4.68 -11.27
N SER B 112 16.39 -5.99 -11.14
CA SER B 112 16.20 -6.64 -9.86
C SER B 112 17.54 -6.91 -9.13
N LEU B 113 18.64 -6.66 -9.84
CA LEU B 113 20.01 -6.90 -9.33
C LEU B 113 20.33 -6.37 -7.91
N PRO B 114 20.01 -5.10 -7.60
CA PRO B 114 20.37 -4.56 -6.27
C PRO B 114 19.85 -5.35 -5.07
N TYR B 115 18.75 -6.08 -5.25
CA TYR B 115 18.21 -6.96 -4.19
C TYR B 115 18.37 -8.45 -4.51
N ASN B 116 19.18 -8.77 -5.53
CA ASN B 116 19.53 -10.15 -5.85
C ASN B 116 20.99 -10.28 -6.23
N LEU B 117 21.86 -9.82 -5.33
CA LEU B 117 23.32 -9.64 -5.60
C LEU B 117 24.09 -10.92 -5.83
N THR B 118 23.51 -12.07 -5.46
CA THR B 118 24.21 -13.34 -5.70
C THR B 118 23.93 -13.93 -7.06
N ASP B 119 22.95 -13.43 -7.82
CA ASP B 119 22.67 -14.00 -9.16
C ASP B 119 23.52 -13.37 -10.28
N PRO B 120 24.26 -14.21 -11.03
CA PRO B 120 25.11 -13.70 -12.10
C PRO B 120 24.28 -13.22 -13.30
N ILE B 121 24.83 -12.36 -14.13
CA ILE B 121 24.20 -11.96 -15.38
C ILE B 121 25.29 -11.99 -16.45
N ASP B 122 25.05 -12.71 -17.53
CA ASP B 122 26.01 -12.76 -18.62
C ASP B 122 25.31 -12.58 -19.95
N LEU B 123 25.64 -11.49 -20.66
CA LEU B 123 24.92 -11.09 -21.88
C LEU B 123 25.87 -10.72 -23.02
N TYR B 124 25.33 -10.73 -24.23
CA TYR B 124 26.03 -10.26 -25.41
C TYR B 124 25.29 -8.99 -25.90
N VAL B 125 26.07 -7.98 -26.28
CA VAL B 125 25.58 -6.73 -26.83
C VAL B 125 26.18 -6.55 -28.22
N VAL B 126 25.31 -6.33 -29.20
CA VAL B 126 25.70 -6.23 -30.58
C VAL B 126 25.10 -4.99 -31.22
N PRO B 127 25.94 -4.00 -31.57
CA PRO B 127 25.47 -2.79 -32.24
C PRO B 127 25.25 -3.10 -33.72
N PHE B 128 24.08 -2.75 -34.22
CA PHE B 128 23.74 -2.91 -35.63
C PHE B 128 22.62 -1.94 -35.97
N ASP B 129 22.79 -1.25 -37.11
CA ASP B 129 21.81 -0.32 -37.64
C ASP B 129 21.32 0.75 -36.64
N GLY B 130 22.24 1.36 -35.90
CA GLY B 130 21.88 2.42 -34.93
C GLY B 130 21.27 1.95 -33.61
N GLN B 131 21.31 0.64 -33.35
CA GLN B 131 20.59 -0.01 -32.24
C GLN B 131 21.45 -1.06 -31.54
N LEU B 132 21.25 -1.25 -30.23
CA LEU B 132 21.94 -2.33 -29.52
C LEU B 132 21.00 -3.51 -29.39
N PHE B 133 21.45 -4.68 -29.85
CA PHE B 133 20.72 -5.92 -29.68
C PHE B 133 21.41 -6.70 -28.57
N ILE B 134 20.63 -7.14 -27.59
CA ILE B 134 21.15 -7.76 -26.41
C ILE B 134 20.49 -9.11 -26.21
N LYS B 135 21.34 -10.11 -26.06
CA LYS B 135 20.91 -11.48 -25.82
C LYS B 135 21.63 -12.05 -24.62
N SER B 136 21.03 -13.06 -23.99
CA SER B 136 21.70 -13.78 -22.89
C SER B 136 22.77 -14.72 -23.42
N ASP B 137 23.79 -15.01 -22.60
CA ASP B 137 24.76 -16.04 -22.93
C ASP B 137 24.12 -17.41 -22.70
N ASP B 138 23.59 -18.00 -23.77
CA ASP B 138 22.83 -19.26 -23.68
C ASP B 138 23.67 -20.40 -23.13
N GLU B 139 24.94 -20.42 -23.49
CA GLU B 139 25.84 -21.51 -23.08
C GLU B 139 26.06 -21.44 -21.58
N LEU B 140 26.42 -20.27 -21.07
CA LEU B 140 26.60 -20.10 -19.62
C LEU B 140 25.30 -20.32 -18.87
N ASP B 141 24.18 -19.93 -19.48
CA ASP B 141 22.86 -20.13 -18.84
C ASP B 141 22.54 -21.61 -18.61
N MET B 142 22.60 -22.39 -19.69
CA MET B 142 22.29 -23.82 -19.65
C MET B 142 23.25 -24.56 -18.72
N LYS B 143 24.51 -24.17 -18.75
CA LYS B 143 25.50 -24.79 -17.87
C LYS B 143 25.09 -24.59 -16.41
N ARG B 144 24.64 -23.39 -16.07
CA ARG B 144 24.24 -23.10 -14.69
C ARG B 144 22.94 -23.79 -14.30
N ARG B 145 22.04 -23.96 -15.27
CA ARG B 145 20.77 -24.64 -15.04
C ARG B 145 21.00 -26.13 -14.82
N LYS B 146 21.82 -26.74 -15.67
CA LYS B 146 22.15 -28.16 -15.55
C LYS B 146 22.85 -28.40 -14.21
N GLU B 147 23.69 -27.47 -13.81
CA GLU B 147 24.44 -27.56 -12.56
C GLU B 147 23.52 -27.46 -11.34
N GLN B 148 22.58 -26.53 -11.39
CA GLN B 148 21.63 -26.36 -10.30
C GLN B 148 20.74 -27.58 -10.15
N GLU B 149 20.42 -28.23 -11.27
CA GLU B 149 19.61 -29.43 -11.24
C GLU B 149 20.36 -30.58 -10.53
N VAL B 150 21.54 -30.93 -11.03
CA VAL B 150 22.34 -32.01 -10.42
C VAL B 150 22.54 -31.77 -8.91
N ARG B 151 22.84 -30.54 -8.51
CA ARG B 151 22.90 -30.19 -7.09
C ARG B 151 21.58 -30.48 -6.34
N MET B 152 20.46 -29.99 -6.88
CA MET B 152 19.15 -30.21 -6.27
C MET B 152 18.87 -31.69 -6.02
N LYS B 153 19.14 -32.50 -7.03
CA LYS B 153 18.93 -33.93 -6.90
C LYS B 153 19.87 -34.54 -5.85
N GLN B 154 21.17 -34.20 -5.92
CA GLN B 154 22.15 -34.72 -4.97
C GLN B 154 21.94 -34.32 -3.50
N THR B 155 21.48 -33.10 -3.23
CA THR B 155 21.36 -32.62 -1.85
C THR B 155 19.96 -32.77 -1.22
N ASN B 156 19.03 -33.39 -1.91
CA ASN B 156 17.68 -33.54 -1.36
C ASN B 156 17.28 -34.98 -1.32
N THR B 157 16.33 -35.28 -0.44
CA THR B 157 15.70 -36.59 -0.45
C THR B 157 14.96 -36.77 -1.75
N VAL B 158 14.72 -38.01 -2.12
CA VAL B 158 13.94 -38.28 -3.34
C VAL B 158 12.55 -37.62 -3.25
N GLU B 159 11.98 -37.55 -2.05
CA GLU B 159 10.67 -36.97 -1.89
C GLU B 159 10.66 -35.44 -2.03
N ARG B 160 11.69 -34.78 -1.51
CA ARG B 160 11.76 -33.34 -1.61
C ARG B 160 12.03 -32.94 -3.07
N TYR B 161 12.91 -33.67 -3.76
CA TYR B 161 13.19 -33.41 -5.17
C TYR B 161 11.90 -33.50 -6.02
N ASP B 162 11.15 -34.59 -5.86
CA ASP B 162 9.90 -34.83 -6.58
C ASP B 162 8.90 -33.69 -6.26
N TYR B 163 8.83 -33.32 -4.99
CA TYR B 163 8.00 -32.20 -4.59
C TYR B 163 8.37 -30.90 -5.31
N MET B 164 9.65 -30.58 -5.33
CA MET B 164 10.15 -29.42 -6.10
C MET B 164 9.80 -29.46 -7.59
N LYS B 165 9.95 -30.60 -8.25
CA LYS B 165 9.49 -30.73 -9.64
C LYS B 165 7.95 -30.54 -9.78
N ARG B 166 7.21 -31.07 -8.83
CA ARG B 166 5.76 -30.85 -8.82
C ARG B 166 5.37 -29.35 -8.65
N CYS B 167 6.11 -28.64 -7.80
CA CYS B 167 5.97 -27.18 -7.69
C CYS B 167 6.21 -26.46 -9.02
N GLU B 168 7.22 -26.87 -9.78
CA GLU B 168 7.39 -26.34 -11.16
C GLU B 168 6.14 -26.55 -12.00
N TYR B 169 5.52 -27.72 -11.88
CA TYR B 169 4.29 -28.03 -12.62
C TYR B 169 3.11 -27.19 -12.17
N VAL B 170 3.01 -27.00 -10.86
CA VAL B 170 1.95 -26.18 -10.24
C VAL B 170 1.76 -24.85 -10.94
N GLY B 171 2.86 -24.16 -11.28
CA GLY B 171 2.73 -22.85 -11.94
C GLY B 171 1.97 -22.90 -13.26
N TYR B 172 2.29 -23.90 -14.07
CA TYR B 172 1.61 -24.10 -15.36
C TYR B 172 0.20 -24.69 -15.20
N LYS B 173 0.00 -25.49 -14.17
CA LYS B 173 -1.31 -25.99 -13.85
C LYS B 173 -2.25 -24.86 -13.47
N PHE B 174 -1.74 -23.89 -12.70
CA PHE B 174 -2.56 -22.77 -12.27
C PHE B 174 -3.01 -21.99 -13.51
N GLU B 175 -2.10 -21.75 -14.46
CA GLU B 175 -2.47 -21.04 -15.69
C GLU B 175 -3.59 -21.79 -16.45
N THR B 176 -3.47 -23.10 -16.49
CA THR B 176 -4.46 -24.00 -17.15
C THR B 176 -5.84 -23.95 -16.52
N ILE B 177 -5.93 -23.91 -15.19
CA ILE B 177 -7.25 -23.90 -14.53
C ILE B 177 -7.82 -22.53 -14.25
N ALA B 178 -7.02 -21.48 -14.51
CA ALA B 178 -7.37 -20.09 -14.24
C ALA B 178 -7.72 -19.31 -15.51
N THR B 179 -7.54 -19.90 -16.68
CA THR B 179 -7.74 -19.21 -17.94
C THR B 179 -8.60 -20.05 -18.90
N ILE B 180 -9.15 -19.38 -19.90
CA ILE B 180 -9.95 -20.01 -20.96
C ILE B 180 -9.42 -19.52 -22.29
N PRO B 181 -9.54 -20.35 -23.34
CA PRO B 181 -8.88 -20.01 -24.58
C PRO B 181 -9.51 -18.85 -25.38
N LYS B 182 -10.70 -18.42 -25.02
CA LYS B 182 -11.40 -17.34 -25.65
C LYS B 182 -12.20 -16.68 -24.57
N PRO B 183 -12.75 -15.50 -24.83
CA PRO B 183 -13.47 -14.79 -23.77
C PRO B 183 -14.70 -15.57 -23.34
N TRP B 184 -15.25 -15.22 -22.17
CA TRP B 184 -16.34 -15.98 -21.57
C TRP B 184 -17.50 -16.23 -22.54
N SER B 185 -17.83 -15.22 -23.35
CA SER B 185 -18.96 -15.33 -24.27
C SER B 185 -18.76 -16.35 -25.38
N GLN B 186 -17.52 -16.78 -25.63
CA GLN B 186 -17.25 -17.74 -26.69
C GLN B 186 -16.91 -19.13 -26.18
N VAL B 187 -16.95 -19.36 -24.88
CA VAL B 187 -16.58 -20.67 -24.36
C VAL B 187 -17.79 -21.28 -23.66
N SER B 188 -17.98 -22.58 -23.86
CA SER B 188 -19.12 -23.23 -23.25
C SER B 188 -18.91 -23.57 -21.78
N ARG B 189 -20.01 -23.81 -21.09
CA ARG B 189 -20.01 -24.15 -19.67
C ARG B 189 -19.16 -25.38 -19.39
N SER B 190 -19.21 -26.36 -20.29
CA SER B 190 -18.52 -27.63 -20.05
C SER B 190 -17.04 -27.47 -20.29
N GLN B 191 -16.68 -26.69 -21.31
CA GLN B 191 -15.28 -26.32 -21.54
C GLN B 191 -14.69 -25.67 -20.29
N ILE B 192 -15.42 -24.75 -19.67
CA ILE B 192 -14.96 -24.12 -18.43
C ILE B 192 -14.82 -25.14 -17.33
N GLU B 193 -15.83 -26.01 -17.21
CA GLU B 193 -15.91 -26.93 -16.10
C GLU B 193 -14.83 -28.00 -16.14
N ASN B 194 -14.41 -28.38 -17.35
CA ASN B 194 -13.45 -29.49 -17.53
C ASN B 194 -11.97 -29.08 -17.65
N ARG B 195 -11.67 -27.84 -17.33
CA ARG B 195 -10.26 -27.37 -17.31
C ARG B 195 -9.35 -28.20 -16.41
N ASN B 196 -9.87 -28.67 -15.28
CA ASN B 196 -9.04 -29.46 -14.37
C ASN B 196 -8.62 -30.81 -14.94
N LYS B 197 -9.23 -31.26 -16.03
CA LYS B 197 -8.75 -32.49 -16.73
C LYS B 197 -7.87 -32.24 -17.96
N LYS B 198 -7.75 -31.00 -18.41
CA LYS B 198 -6.92 -30.74 -19.60
C LYS B 198 -5.49 -31.10 -19.27
N VAL B 199 -4.79 -31.60 -20.27
CA VAL B 199 -3.39 -31.89 -20.21
C VAL B 199 -2.66 -30.57 -20.22
N VAL B 200 -1.75 -30.43 -19.27
CA VAL B 200 -0.98 -29.20 -19.12
C VAL B 200 0.26 -29.26 -20.00
N ASN B 201 0.56 -28.17 -20.70
CA ASN B 201 1.78 -28.02 -21.46
C ASN B 201 2.46 -26.67 -21.21
N ASN B 202 3.78 -26.61 -21.38
CA ASN B 202 4.43 -25.29 -21.42
C ASN B 202 5.00 -24.93 -22.78
N TYR B 203 4.46 -25.57 -23.83
CA TYR B 203 4.81 -25.20 -25.21
C TYR B 203 4.18 -23.92 -25.68
N GLU B 204 2.88 -23.77 -25.46
CA GLU B 204 2.15 -22.64 -26.05
C GLU B 204 2.54 -21.33 -25.38
N GLN B 205 2.76 -20.27 -26.16
CA GLN B 205 3.03 -18.93 -25.62
C GLN B 205 2.46 -17.88 -26.54
N TYR B 206 2.14 -16.75 -25.92
CA TYR B 206 1.79 -15.56 -26.61
C TYR B 206 2.85 -14.50 -26.21
N LEU B 207 3.48 -13.89 -27.21
CA LEU B 207 4.59 -12.94 -27.01
C LEU B 207 4.23 -11.54 -27.48
N SER B 208 4.33 -10.56 -26.58
CA SER B 208 4.09 -9.17 -26.91
C SER B 208 5.43 -8.47 -27.09
N VAL B 209 5.55 -7.63 -28.12
CA VAL B 209 6.70 -6.79 -28.33
C VAL B 209 6.30 -5.35 -28.11
N ILE B 210 6.91 -4.75 -27.09
CA ILE B 210 6.53 -3.43 -26.64
C ILE B 210 7.67 -2.43 -26.82
N ARG B 211 7.31 -1.14 -26.85
CA ARG B 211 8.28 -0.09 -26.86
C ARG B 211 8.10 0.68 -25.59
N THR B 212 9.20 0.94 -24.90
CA THR B 212 9.15 1.71 -23.68
C THR B 212 10.42 2.55 -23.59
N GLY B 213 10.72 3.10 -22.41
CA GLY B 213 11.91 3.89 -22.26
C GLY B 213 12.15 4.27 -20.82
N ILE B 214 13.37 4.76 -20.58
CA ILE B 214 13.72 5.32 -19.29
C ILE B 214 14.78 6.39 -19.57
N GLY B 215 14.64 7.53 -18.89
CA GLY B 215 15.43 8.72 -19.23
C GLY B 215 15.20 9.13 -20.68
N ASN B 216 16.28 9.33 -21.42
CA ASN B 216 16.20 9.64 -22.83
C ASN B 216 16.50 8.40 -23.72
N VAL B 217 16.48 7.23 -23.11
CA VAL B 217 16.74 5.99 -23.87
C VAL B 217 15.43 5.26 -24.18
N LYS B 218 15.38 4.66 -25.37
CA LYS B 218 14.22 3.93 -25.82
C LYS B 218 14.59 2.47 -26.00
N LEU B 219 13.68 1.60 -25.55
CA LEU B 219 13.91 0.18 -25.53
C LEU B 219 12.69 -0.52 -26.07
N VAL B 220 12.94 -1.62 -26.76
CA VAL B 220 11.93 -2.55 -27.24
C VAL B 220 12.21 -3.88 -26.55
N LEU B 221 11.19 -4.43 -25.92
CA LEU B 221 11.27 -5.64 -25.11
C LEU B 221 10.26 -6.66 -25.63
N ALA B 222 10.70 -7.90 -25.81
CA ALA B 222 9.79 -9.00 -26.09
C ALA B 222 9.56 -9.83 -24.80
N GLY B 223 8.31 -10.17 -24.52
CA GLY B 223 8.03 -10.98 -23.34
C GLY B 223 6.73 -11.77 -23.47
N GLU B 224 6.69 -12.90 -22.78
CA GLU B 224 5.53 -13.77 -22.79
C GLU B 224 4.44 -13.16 -21.91
N ILE B 225 3.18 -13.28 -22.31
CA ILE B 225 2.05 -12.73 -21.54
C ILE B 225 1.16 -13.89 -21.14
N ASP B 226 0.75 -13.94 -19.87
CA ASP B 226 -0.02 -15.10 -19.37
C ASP B 226 -1.43 -15.16 -19.87
N CYS B 227 -2.12 -14.04 -19.81
CA CYS B 227 -3.50 -13.94 -20.26
C CYS B 227 -3.98 -12.49 -20.32
N CYS B 228 -5.21 -12.34 -20.80
CA CYS B 228 -5.89 -11.07 -20.87
C CYS B 228 -6.98 -11.07 -19.80
N TRP B 229 -7.19 -9.94 -19.16
CA TRP B 229 -8.11 -9.80 -18.04
C TRP B 229 -9.60 -9.97 -18.42
N ASP B 230 -10.03 -9.28 -19.48
CA ASP B 230 -11.44 -9.10 -19.88
C ASP B 230 -11.59 -9.20 -21.40
N TYR B 231 -11.00 -8.25 -22.12
CA TYR B 231 -11.03 -8.25 -23.56
C TYR B 231 -9.76 -7.61 -24.06
N LEU B 232 -9.42 -7.93 -25.30
CA LEU B 232 -8.30 -7.31 -25.98
C LEU B 232 -8.78 -6.15 -26.87
N PRO B 233 -8.43 -4.92 -26.50
CA PRO B 233 -8.93 -3.84 -27.37
C PRO B 233 -8.28 -3.83 -28.73
N ASP B 234 -9.01 -3.37 -29.73
CA ASP B 234 -8.43 -3.17 -31.05
C ASP B 234 -7.50 -1.98 -31.02
N GLU B 235 -7.73 -1.02 -30.12
CA GLU B 235 -6.90 0.19 -30.12
C GLU B 235 -5.46 -0.19 -29.68
N GLN B 236 -4.47 0.07 -30.55
CA GLN B 236 -3.06 -0.33 -30.30
C GLN B 236 -2.47 0.13 -28.98
N ASN B 237 -2.62 1.40 -28.66
CA ASN B 237 -2.03 1.97 -27.45
C ASN B 237 -2.75 1.62 -26.16
N LYS B 238 -3.77 0.76 -26.25
CA LYS B 238 -4.51 0.33 -25.06
C LYS B 238 -4.37 -1.16 -24.74
N LYS B 239 -3.66 -1.91 -25.56
CA LYS B 239 -3.61 -3.36 -25.40
C LYS B 239 -2.93 -3.85 -24.12
N LEU B 240 -1.80 -3.24 -23.80
CA LEU B 240 -1.04 -3.62 -22.61
C LEU B 240 -1.84 -3.45 -21.34
N ASN B 241 -2.79 -2.50 -21.31
CA ASN B 241 -3.59 -2.22 -20.12
C ASN B 241 -4.48 -3.40 -19.72
N HIS B 242 -4.62 -4.38 -20.61
CA HIS B 242 -5.51 -5.52 -20.39
C HIS B 242 -4.80 -6.86 -20.11
N TYR B 243 -3.48 -6.86 -20.12
CA TYR B 243 -2.73 -8.09 -19.85
C TYR B 243 -2.61 -8.38 -18.37
N VAL B 244 -2.41 -9.67 -18.06
CA VAL B 244 -2.34 -10.14 -16.69
C VAL B 244 -1.16 -11.08 -16.55
N GLU B 245 -0.46 -10.98 -15.42
CA GLU B 245 0.62 -11.93 -15.09
C GLU B 245 0.17 -12.85 -13.93
N LEU B 246 0.31 -14.16 -14.13
CA LEU B 246 -0.07 -15.16 -13.12
C LEU B 246 1.16 -15.68 -12.39
N LYS B 247 1.02 -15.93 -11.11
CA LYS B 247 2.10 -16.48 -10.27
C LYS B 247 1.42 -17.39 -9.26
N THR B 248 2.18 -18.29 -8.68
CA THR B 248 1.73 -19.13 -7.56
C THR B 248 2.75 -19.01 -6.44
N SER B 249 2.28 -19.20 -5.21
CA SER B 249 3.13 -19.23 -4.05
C SER B 249 2.49 -20.02 -2.93
N ARG B 250 3.31 -20.44 -1.96
CA ARG B 250 2.80 -21.11 -0.79
C ARG B 250 2.06 -20.11 0.08
N ILE B 251 1.00 -20.56 0.74
CA ILE B 251 0.36 -19.77 1.80
C ILE B 251 1.44 -19.31 2.80
N ILE B 252 1.24 -18.14 3.39
CA ILE B 252 2.28 -17.49 4.18
C ILE B 252 1.96 -17.69 5.66
N GLU B 253 2.85 -18.35 6.37
CA GLU B 253 2.56 -18.77 7.75
C GLU B 253 3.44 -18.16 8.83
N ASN B 254 4.58 -17.62 8.46
CA ASN B 254 5.46 -17.00 9.45
C ASN B 254 6.18 -15.85 8.81
N ASN B 255 6.94 -15.11 9.64
CA ASN B 255 7.64 -13.90 9.20
C ASN B 255 8.70 -14.24 8.17
N SER B 256 9.31 -15.41 8.27
CA SER B 256 10.31 -15.79 7.27
C SER B 256 9.66 -15.82 5.88
N GLN B 257 8.42 -16.30 5.84
CA GLN B 257 7.67 -16.40 4.58
C GLN B 257 7.21 -15.03 4.11
N VAL B 258 7.00 -14.10 5.02
CA VAL B 258 6.62 -12.76 4.64
C VAL B 258 7.77 -12.10 3.87
N VAL B 259 9.00 -12.31 4.32
CA VAL B 259 10.16 -11.75 3.64
C VAL B 259 10.36 -12.36 2.23
N SER B 260 10.22 -13.67 2.13
CA SER B 260 10.41 -14.31 0.83
C SER B 260 9.30 -13.95 -0.15
N PHE B 261 8.07 -13.80 0.34
CA PHE B 261 7.00 -13.33 -0.52
C PHE B 261 7.31 -11.93 -1.03
N GLU B 262 7.77 -11.04 -0.16
CA GLU B 262 8.15 -9.68 -0.61
C GLU B 262 9.20 -9.73 -1.73
N GLN B 263 10.18 -10.61 -1.58
CA GLN B 263 11.22 -10.80 -2.60
C GLN B 263 10.68 -11.27 -3.95
N LYS B 264 9.76 -12.23 -3.93
CA LYS B 264 9.16 -12.75 -5.17
C LYS B 264 8.24 -11.72 -5.79
N LEU B 265 7.51 -10.98 -4.94
CA LEU B 265 6.59 -9.92 -5.41
C LEU B 265 7.37 -8.80 -6.09
N PHE B 266 8.53 -8.45 -5.53
CA PHE B 266 9.39 -7.43 -6.14
C PHE B 266 9.81 -7.91 -7.57
N LYS B 267 10.22 -9.15 -7.68
CA LYS B 267 10.63 -9.71 -8.99
C LYS B 267 9.48 -9.66 -10.00
N ALA B 268 8.27 -9.97 -9.53
CA ALA B 268 7.04 -9.84 -10.33
C ALA B 268 6.82 -8.41 -10.77
N TRP B 269 6.96 -7.48 -9.81
CA TRP B 269 6.84 -6.09 -10.13
C TRP B 269 7.86 -5.69 -11.17
N CYS B 270 9.12 -6.11 -11.02
CA CYS B 270 10.15 -5.79 -12.00
C CYS B 270 9.70 -6.24 -13.41
N GLN B 271 9.29 -7.50 -13.54
CA GLN B 271 8.82 -8.05 -14.83
C GLN B 271 7.68 -7.27 -15.45
N CYS B 272 6.67 -6.94 -14.64
CA CYS B 272 5.45 -6.35 -15.16
C CYS B 272 5.61 -4.87 -15.40
N PHE B 273 6.38 -4.22 -14.55
CA PHE B 273 6.67 -2.82 -14.75
C PHE B 273 7.34 -2.64 -16.10
N LEU B 274 8.29 -3.50 -16.42
CA LEU B 274 9.00 -3.33 -17.67
C LEU B 274 8.08 -3.46 -18.88
N MET B 275 7.07 -4.34 -18.78
CA MET B 275 6.22 -4.73 -19.92
C MET B 275 4.96 -3.91 -19.99
N GLY B 276 4.71 -3.08 -18.98
CA GLY B 276 3.43 -2.41 -18.90
C GLY B 276 2.26 -3.31 -18.48
N VAL B 277 2.55 -4.42 -17.80
CA VAL B 277 1.48 -5.30 -17.31
C VAL B 277 1.01 -4.72 -15.98
N THR B 278 -0.29 -4.45 -15.88
CA THR B 278 -0.85 -3.70 -14.77
C THR B 278 -1.43 -4.58 -13.66
N LYS B 279 -1.53 -5.87 -13.91
CA LYS B 279 -2.19 -6.77 -13.00
C LYS B 279 -1.34 -8.04 -12.80
N ILE B 280 -1.14 -8.38 -11.53
CA ILE B 280 -0.47 -9.60 -11.11
C ILE B 280 -1.38 -10.40 -10.19
N ILE B 281 -1.68 -11.65 -10.56
CA ILE B 281 -2.54 -12.51 -9.77
C ILE B 281 -1.73 -13.67 -9.20
N TYR B 282 -1.77 -13.81 -7.88
CA TYR B 282 -1.15 -14.90 -7.16
C TYR B 282 -2.19 -15.91 -6.76
N GLY B 283 -1.92 -17.18 -7.11
CA GLY B 283 -2.61 -18.32 -6.53
C GLY B 283 -1.79 -18.87 -5.37
N PHE B 284 -2.35 -18.78 -4.16
CA PHE B 284 -1.68 -19.25 -2.95
C PHE B 284 -2.14 -20.66 -2.70
N ARG B 285 -1.18 -21.55 -2.52
CA ARG B 285 -1.47 -22.97 -2.38
C ARG B 285 -0.86 -23.53 -1.07
N ASP B 286 -1.42 -24.63 -0.59
CA ASP B 286 -0.91 -25.24 0.66
C ASP B 286 0.17 -26.31 0.42
N ASN B 287 0.66 -26.93 1.53
CA ASN B 287 1.70 -27.94 1.46
C ASN B 287 1.36 -29.10 0.52
N ASN B 288 0.07 -29.43 0.44
CA ASN B 288 -0.41 -30.47 -0.47
C ASN B 288 -0.70 -30.00 -1.90
N LEU B 289 -0.30 -28.78 -2.19
CA LEU B 289 -0.45 -28.21 -3.53
C LEU B 289 -1.91 -27.99 -3.92
N ILE B 290 -2.77 -27.79 -2.93
CA ILE B 290 -4.15 -27.40 -3.15
C ILE B 290 -4.24 -25.88 -3.18
N LEU B 291 -4.95 -25.34 -4.17
CA LEU B 291 -5.18 -23.91 -4.26
C LEU B 291 -6.14 -23.48 -3.18
N LYS B 292 -5.71 -22.53 -2.32
CA LYS B 292 -6.53 -22.07 -1.18
C LYS B 292 -7.17 -20.71 -1.43
N ASN B 293 -6.44 -19.75 -1.98
CA ASN B 293 -7.02 -18.47 -2.39
C ASN B 293 -6.20 -17.81 -3.48
N VAL B 294 -6.81 -16.83 -4.13
CA VAL B 294 -6.20 -16.05 -5.19
C VAL B 294 -6.29 -14.58 -4.81
N GLU B 295 -5.24 -13.83 -5.11
CA GLU B 295 -5.21 -12.41 -4.85
C GLU B 295 -4.65 -11.62 -6.04
N LEU B 296 -5.36 -10.55 -6.39
CA LEU B 296 -5.00 -9.60 -7.42
C LEU B 296 -4.19 -8.45 -6.86
N PHE B 297 -3.04 -8.18 -7.45
CA PHE B 297 -2.28 -6.96 -7.13
C PHE B 297 -2.25 -6.06 -8.35
N ASN B 298 -2.45 -4.76 -8.14
CA ASN B 298 -2.17 -3.78 -9.16
C ASN B 298 -0.68 -3.45 -9.12
N THR B 299 -0.04 -3.67 -10.26
CA THR B 299 1.40 -3.47 -10.35
C THR B 299 1.84 -2.09 -9.77
N GLU B 300 1.11 -1.03 -10.10
CA GLU B 300 1.55 0.30 -9.68
C GLU B 300 1.47 0.53 -8.17
N GLU B 301 0.75 -0.34 -7.44
CA GLU B 301 0.60 -0.22 -5.98
C GLU B 301 1.68 -1.03 -5.25
N ILE B 302 2.35 -1.94 -5.96
CA ILE B 302 3.32 -2.79 -5.33
C ILE B 302 4.46 -2.04 -4.61
N PRO B 303 5.02 -0.98 -5.23
CA PRO B 303 6.08 -0.25 -4.50
C PRO B 303 5.64 0.26 -3.12
N ILE B 304 4.41 0.76 -3.03
CA ILE B 304 3.86 1.26 -1.77
C ILE B 304 3.66 0.12 -0.77
N LEU B 305 3.20 -1.05 -1.25
CA LEU B 305 2.97 -2.20 -0.38
C LEU B 305 4.26 -2.66 0.24
N ILE B 306 5.30 -2.72 -0.56
CA ILE B 306 6.62 -3.12 -0.08
C ILE B 306 7.22 -2.08 0.92
N LYS B 307 7.12 -0.83 0.57
CA LYS B 307 7.67 0.25 1.38
C LYS B 307 7.02 0.30 2.75
N ASN B 308 5.73 0.01 2.82
CA ASN B 308 5.00 0.19 4.06
C ASN B 308 4.69 -1.06 4.83
N ASN B 309 5.27 -2.19 4.43
CA ASN B 309 5.14 -3.43 5.18
C ASN B 309 5.90 -3.35 6.55
N PRO B 310 5.17 -3.30 7.69
CA PRO B 310 5.89 -3.15 8.96
C PRO B 310 6.79 -4.35 9.30
N LEU B 311 6.43 -5.54 8.81
CA LEU B 311 7.16 -6.75 9.09
C LEU B 311 8.47 -6.88 8.34
N THR B 312 8.61 -6.22 7.20
CA THR B 312 9.85 -6.36 6.41
C THR B 312 10.77 -5.13 6.48
N ASN B 313 10.64 -4.27 7.48
CA ASN B 313 11.64 -3.20 7.66
C ASN B 313 13.04 -3.77 7.89
N ALA B 314 14.05 -3.10 7.31
CA ALA B 314 15.44 -3.57 7.35
C ALA B 314 16.43 -2.45 7.02
N ALA B 315 17.71 -2.80 6.93
CA ALA B 315 18.76 -1.82 6.58
C ALA B 315 18.45 -1.18 5.23
N THR B 316 18.84 0.09 5.07
CA THR B 316 18.61 0.82 3.82
C THR B 316 19.32 0.14 2.65
N GLU B 317 20.46 -0.49 2.91
CA GLU B 317 21.18 -1.26 1.90
C GLU B 317 20.40 -2.53 1.52
N LYS B 318 19.69 -3.11 2.48
CA LYS B 318 19.01 -4.40 2.26
C LYS B 318 17.50 -4.32 1.95
N LYS B 319 16.81 -3.32 2.50
CA LYS B 319 15.38 -3.13 2.25
C LYS B 319 15.06 -2.91 0.77
N ILE B 320 14.24 -3.78 0.18
CA ILE B 320 13.79 -3.57 -1.22
C ILE B 320 13.07 -2.24 -1.41
N ASN B 321 13.52 -1.47 -2.39
CA ASN B 321 12.96 -0.17 -2.70
C ASN B 321 12.95 -0.06 -4.20
N CYS B 322 11.74 0.00 -4.78
CA CYS B 322 11.54 0.01 -6.21
C CYS B 322 12.10 1.26 -6.93
N THR B 323 11.96 2.44 -6.33
CA THR B 323 12.50 3.65 -6.95
C THR B 323 14.02 3.54 -7.04
N ASN B 324 14.65 3.00 -5.98
CA ASN B 324 16.09 2.81 -5.98
C ASN B 324 16.50 1.83 -7.10
N ALA B 325 15.75 0.75 -7.28
CA ALA B 325 16.06 -0.23 -8.36
C ALA B 325 15.92 0.43 -9.72
N LEU B 326 14.89 1.25 -9.89
CA LEU B 326 14.69 1.92 -11.16
C LEU B 326 15.85 2.85 -11.49
N LYS B 327 16.38 3.52 -10.48
CA LYS B 327 17.50 4.43 -10.68
C LYS B 327 18.79 3.69 -11.01
N TRP B 328 19.01 2.52 -10.43
CA TRP B 328 20.10 1.62 -10.90
C TRP B 328 19.90 1.23 -12.37
N TYR B 329 18.68 0.81 -12.70
CA TYR B 329 18.35 0.39 -14.08
C TYR B 329 18.58 1.55 -15.04
N GLY B 330 18.17 2.74 -14.67
CA GLY B 330 18.39 3.95 -15.51
C GLY B 330 19.88 4.23 -15.70
N ALA B 331 20.68 3.97 -14.67
CA ALA B 331 22.15 4.15 -14.78
C ALA B 331 22.79 3.10 -15.72
N VAL B 332 22.35 1.87 -15.66
CA VAL B 332 22.89 0.85 -16.59
C VAL B 332 22.51 1.22 -18.02
N VAL B 333 21.24 1.55 -18.25
CA VAL B 333 20.74 1.76 -19.62
C VAL B 333 21.41 3.00 -20.22
N ASP B 334 21.54 4.05 -19.42
CA ASP B 334 22.35 5.23 -19.76
C ASP B 334 23.78 4.91 -20.19
N TRP B 335 24.43 4.14 -19.34
CA TRP B 335 25.79 3.73 -19.50
C TRP B 335 25.91 2.92 -20.79
N LEU B 336 25.01 1.99 -21.01
CA LEU B 336 25.04 1.23 -22.29
C LEU B 336 24.82 2.20 -23.47
N ASN B 337 23.92 3.16 -23.31
CA ASN B 337 23.55 4.04 -24.41
C ASN B 337 24.66 5.04 -24.79
N THR B 338 25.61 5.33 -23.90
CA THR B 338 26.69 6.28 -24.18
C THR B 338 28.06 5.63 -24.34
N THR B 339 28.22 4.42 -23.83
CA THR B 339 29.53 3.79 -23.78
C THR B 339 29.87 3.07 -25.09
N VAL B 340 28.89 2.45 -25.71
CA VAL B 340 29.11 1.72 -26.97
C VAL B 340 28.84 2.65 -28.14
N ASP B 341 29.76 2.70 -29.09
CA ASP B 341 29.54 3.44 -30.33
C ASP B 341 28.66 2.57 -31.23
N LYS B 342 27.42 3.00 -31.41
CA LYS B 342 26.42 2.17 -32.06
C LYS B 342 26.69 2.02 -33.55
N LYS B 343 27.43 2.98 -34.13
CA LYS B 343 27.78 2.97 -35.55
C LYS B 343 28.87 1.94 -35.89
N ASP B 344 29.65 1.52 -34.89
CA ASP B 344 30.77 0.64 -35.11
C ASP B 344 30.34 -0.83 -35.09
N GLU B 345 30.01 -1.34 -36.28
CA GLU B 345 29.47 -2.69 -36.40
C GLU B 345 30.51 -3.76 -36.55
N ILE B 346 31.74 -3.47 -36.12
CA ILE B 346 32.83 -4.41 -36.24
C ILE B 346 33.22 -5.00 -34.90
N LYS B 347 32.46 -4.67 -33.85
CA LYS B 347 32.71 -5.20 -32.52
C LYS B 347 31.41 -5.65 -31.86
N SER B 348 31.54 -6.58 -30.90
CA SER B 348 30.46 -6.97 -29.99
C SER B 348 31.02 -6.94 -28.57
N TYR B 349 30.12 -7.02 -27.59
CA TYR B 349 30.54 -6.89 -26.21
C TYR B 349 29.91 -7.92 -25.30
N ARG B 350 30.65 -8.27 -24.27
CA ARG B 350 30.13 -9.05 -23.17
C ARG B 350 29.73 -8.10 -22.04
N LEU B 351 28.48 -8.24 -21.58
CA LEU B 351 28.02 -7.51 -20.39
C LEU B 351 27.91 -8.55 -19.27
N LYS B 352 28.61 -8.31 -18.15
CA LYS B 352 28.75 -9.30 -17.06
C LYS B 352 28.56 -8.66 -15.67
N TYR B 353 27.65 -9.24 -14.90
CA TYR B 353 27.61 -9.02 -13.46
C TYR B 353 28.19 -10.29 -12.81
N ASP B 354 29.31 -10.09 -12.12
CA ASP B 354 30.04 -11.14 -11.44
C ASP B 354 29.81 -10.89 -9.94
N PRO B 355 29.02 -11.77 -9.31
CA PRO B 355 28.75 -11.65 -7.88
C PRO B 355 29.99 -11.90 -7.01
N VAL B 356 30.91 -12.76 -7.44
CA VAL B 356 32.13 -13.03 -6.62
C VAL B 356 33.01 -11.77 -6.61
N ARG B 357 33.26 -11.18 -7.78
CA ARG B 357 34.08 -9.96 -7.85
C ARG B 357 33.31 -8.65 -7.59
N LYS B 358 31.99 -8.75 -7.44
CA LYS B 358 31.16 -7.57 -7.22
C LYS B 358 31.41 -6.50 -8.30
N SER B 359 31.44 -6.95 -9.56
CA SER B 359 31.69 -6.07 -10.71
C SER B 359 30.59 -6.17 -11.79
N PHE B 360 30.26 -5.02 -12.39
CA PHE B 360 29.34 -4.89 -13.52
C PHE B 360 30.13 -4.29 -14.68
N THR B 361 30.44 -5.13 -15.67
CA THR B 361 31.41 -4.77 -16.68
C THR B 361 31.00 -5.03 -18.12
N LEU B 362 31.65 -4.26 -19.00
CA LEU B 362 31.53 -4.36 -20.43
C LEU B 362 32.90 -4.53 -21.06
N SER B 363 33.02 -5.53 -21.90
CA SER B 363 34.27 -5.79 -22.56
C SER B 363 34.01 -6.30 -23.96
N GLU B 364 34.94 -5.99 -24.86
CA GLU B 364 34.91 -6.51 -26.22
C GLU B 364 34.94 -8.04 -26.25
N THR B 365 34.11 -8.64 -27.09
CA THR B 365 34.22 -10.08 -27.37
C THR B 365 35.44 -10.33 -28.23
N ASP B 366 35.86 -11.59 -28.30
CA ASP B 366 36.84 -11.97 -29.32
C ASP B 366 36.19 -11.91 -30.72
N SER B 367 37.04 -11.94 -31.76
CA SER B 367 36.59 -11.71 -33.14
C SER B 367 35.63 -12.78 -33.68
N GLU B 368 35.87 -14.04 -33.30
CA GLU B 368 35.08 -15.17 -33.75
C GLU B 368 33.72 -15.15 -33.07
N THR B 369 33.70 -14.66 -31.82
CA THR B 369 32.41 -14.48 -31.12
C THR B 369 31.57 -13.40 -31.78
N ASN B 370 32.19 -12.28 -32.15
CA ASN B 370 31.51 -11.21 -32.88
C ASN B 370 31.00 -11.73 -34.22
N GLU B 371 31.82 -12.53 -34.91
CA GLU B 371 31.42 -13.13 -36.18
C GLU B 371 30.14 -13.99 -36.02
N LYS B 372 30.13 -14.88 -35.04
CA LYS B 372 29.00 -15.78 -34.85
C LYS B 372 27.70 -15.07 -34.47
N LEU B 373 27.80 -14.09 -33.57
CA LEU B 373 26.64 -13.27 -33.16
C LEU B 373 25.98 -12.56 -34.33
N ARG B 374 26.81 -12.16 -35.27
CA ARG B 374 26.36 -11.38 -36.41
C ARG B 374 25.93 -12.27 -37.59
N ASN B 375 26.22 -13.56 -37.51
CA ASN B 375 25.92 -14.51 -38.58
C ASN B 375 25.13 -15.73 -38.14
N GLY B 376 24.09 -15.49 -37.34
CA GLY B 376 23.11 -16.51 -36.97
C GLY B 376 22.80 -16.66 -35.49
N GLN B 377 23.76 -16.40 -34.61
CA GLN B 377 23.53 -16.62 -33.17
C GLN B 377 22.81 -15.46 -32.47
N LEU B 378 22.72 -14.32 -33.13
CA LEU B 378 21.79 -13.27 -32.69
C LEU B 378 21.16 -12.64 -33.89
N LEU B 379 21.97 -11.95 -34.69
CA LEU B 379 21.48 -11.39 -35.95
C LEU B 379 21.44 -12.57 -36.92
N THR B 380 20.54 -12.49 -37.87
CA THR B 380 20.37 -13.49 -38.92
C THR B 380 20.55 -12.80 -40.28
N PRO B 381 20.90 -13.59 -41.32
CA PRO B 381 21.08 -13.05 -42.66
C PRO B 381 19.84 -12.30 -43.16
N GLU B 382 18.67 -12.91 -43.01
CA GLU B 382 17.44 -12.28 -43.44
C GLU B 382 17.20 -10.95 -42.74
N PHE B 383 17.48 -10.87 -41.44
CA PHE B 383 17.31 -9.61 -40.74
C PHE B 383 18.35 -8.60 -41.23
N THR B 384 19.58 -9.05 -41.36
CA THR B 384 20.69 -8.18 -41.80
C THR B 384 20.34 -7.57 -43.17
N GLU B 385 20.02 -8.43 -44.11
CA GLU B 385 19.58 -8.01 -45.45
C GLU B 385 18.39 -7.05 -45.46
N TRP B 386 17.35 -7.41 -44.70
CA TRP B 386 16.21 -6.55 -44.59
C TRP B 386 16.63 -5.13 -44.15
N ARG B 387 17.42 -4.99 -43.07
CA ARG B 387 17.72 -3.64 -42.57
C ARG B 387 18.57 -2.85 -43.57
N GLN B 388 19.48 -3.53 -44.25
CA GLN B 388 20.32 -2.90 -45.28
C GLN B 388 19.49 -2.37 -46.44
N SER B 389 18.41 -3.09 -46.79
CA SER B 389 17.54 -2.71 -47.91
C SER B 389 16.80 -1.41 -47.64
N LEU B 390 16.60 -1.07 -46.36
CA LEU B 390 15.94 0.20 -46.01
C LEU B 390 16.80 1.45 -46.27
#